data_6RTS
#
_entry.id   6RTS
#
_cell.length_a   111.040
_cell.length_b   131.240
_cell.length_c   157.710
_cell.angle_alpha   90.00
_cell.angle_beta   90.00
_cell.angle_gamma   90.00
#
_symmetry.space_group_name_H-M   'C 2 2 21'
#
loop_
_entity.id
_entity.type
_entity.pdbx_description
1 polymer 'Semialdehyde dehydrogenase Pcd'
2 non-polymer NICOTINAMIDE-ADENINE-DINUCLEOTIDE
3 non-polymer 'SULFATE ION'
4 non-polymer GLYCEROL
5 non-polymer 'ACETATE ION'
6 water water
#
_entity_poly.entity_id   1
_entity_poly.type   'polypeptide(L)'
_entity_poly.pdbx_seq_one_letter_code
;MVTAAISGTDEIRARAEQALTRCGVDLTAVKGDALTARTPLTGADLFGLRAQTPEDVDRAVEAAHTAFLTWRTTPAPVRG
ALVKRFGELLTEHKQDLADLVTIEAGKIRSEALGEVQEMIDICDFAVGLSRQLYGRTMPTERPGHRLMETWHPLGVVGVI
SAFNFPVAVWAWNAAVALVCGDTVVWKPSELTPLTALACAALLDLAIADAGAPKGLNQVVVGAADVGERLVDSPRVPLVS
ATGSTRMGRAVGPRVAARFGRTILELGGNNAAVVTPSADLDLTVNAAVFAAAGTAGQRCTTLRRLIVHEDIADTVVERLT
AAFERLPIGDPFQDTTLVGPLVNEAAFGRMREAVERATAEGGTLCAGGERQFPDAAPGAYYVRPALVRMPAQTAVVREET
FAPILYVLTYRDLDEAIRLNNEVPQGLSAGIFTADQSEAERFLAPDGADCGIANVNIGTSGAEIGGAFGGEKETGGGRES
GSDAWRAYMRRATNTVNYSGRVTLAQGVDFSQ
;
_entity_poly.pdbx_strand_id   A,B
#
loop_
_chem_comp.id
_chem_comp.type
_chem_comp.name
_chem_comp.formula
ACT non-polymer 'ACETATE ION' 'C2 H3 O2 -1'
GOL non-polymer GLYCEROL 'C3 H8 O3'
NAD non-polymer NICOTINAMIDE-ADENINE-DINUCLEOTIDE 'C21 H27 N7 O14 P2'
SO4 non-polymer 'SULFATE ION' 'O4 S -2'
#
# COMPACT_ATOMS: atom_id res chain seq x y z
N THR A 3 -48.50 -2.61 -8.30
CA THR A 3 -48.60 -1.65 -9.45
C THR A 3 -48.12 -0.21 -9.09
N ALA A 4 -47.68 0.49 -10.14
CA ALA A 4 -47.02 1.79 -10.00
C ALA A 4 -46.93 2.51 -11.35
N ALA A 5 -46.89 3.84 -11.30
CA ALA A 5 -46.69 4.68 -12.48
C ALA A 5 -45.21 5.07 -12.60
N ILE A 6 -44.66 4.94 -13.81
CA ILE A 6 -43.24 5.17 -14.05
C ILE A 6 -43.14 6.33 -15.02
N SER A 7 -42.25 7.28 -14.75
CA SER A 7 -42.06 8.40 -15.67
C SER A 7 -41.50 7.93 -17.01
N GLY A 8 -41.78 8.74 -18.04
CA GLY A 8 -41.45 8.41 -19.42
C GLY A 8 -40.04 8.83 -19.73
N THR A 9 -39.46 8.16 -20.72
CA THR A 9 -38.10 8.46 -21.17
C THR A 9 -37.95 9.94 -21.56
N ASP A 10 -38.98 10.50 -22.20
CA ASP A 10 -38.96 11.90 -22.66
C ASP A 10 -38.92 12.88 -21.51
N GLU A 11 -39.69 12.58 -20.47
CA GLU A 11 -39.75 13.40 -19.27
C GLU A 11 -38.43 13.32 -18.47
N ILE A 12 -37.83 12.13 -18.42
CA ILE A 12 -36.53 11.94 -17.78
C ILE A 12 -35.45 12.70 -18.54
N ARG A 13 -35.41 12.52 -19.86
CA ARG A 13 -34.45 13.21 -20.74
C ARG A 13 -34.47 14.72 -20.49
N ALA A 14 -35.68 15.30 -20.47
CA ALA A 14 -35.84 16.75 -20.33
C ALA A 14 -35.37 17.22 -18.95
N ARG A 15 -35.63 16.43 -17.92
CA ARG A 15 -35.14 16.74 -16.59
C ARG A 15 -33.61 16.67 -16.50
N ALA A 16 -33.03 15.68 -17.18
CA ALA A 16 -31.58 15.53 -17.28
C ALA A 16 -30.93 16.72 -18.00
N GLU A 17 -31.53 17.15 -19.10
CA GLU A 17 -31.00 18.26 -19.88
C GLU A 17 -31.01 19.58 -19.09
N GLN A 18 -32.09 19.80 -18.35
CA GLN A 18 -32.19 20.91 -17.41
C GLN A 18 -31.07 20.90 -16.35
N ALA A 19 -30.89 19.75 -15.71
CA ALA A 19 -29.93 19.60 -14.62
C ALA A 19 -28.51 19.86 -15.10
N LEU A 20 -28.18 19.31 -16.26
CA LEU A 20 -26.88 19.54 -16.90
C LEU A 20 -26.63 21.01 -17.25
N THR A 21 -27.61 21.64 -17.87
CA THR A 21 -27.50 23.04 -18.28
C THR A 21 -27.27 23.96 -17.07
N ARG A 22 -28.08 23.74 -16.05
CA ARG A 22 -27.97 24.44 -14.78
C ARG A 22 -26.64 24.25 -14.05
N CYS A 23 -26.02 23.07 -14.20
CA CYS A 23 -24.68 22.83 -13.65
C CYS A 23 -23.54 23.34 -14.56
N GLY A 24 -23.87 23.98 -15.67
CA GLY A 24 -22.87 24.62 -16.53
C GLY A 24 -22.35 23.75 -17.67
N VAL A 25 -22.99 22.60 -17.92
CA VAL A 25 -22.60 21.77 -19.05
C VAL A 25 -23.13 22.43 -20.35
N ASP A 26 -22.28 22.49 -21.37
CA ASP A 26 -22.69 22.89 -22.72
C ASP A 26 -23.13 21.61 -23.44
N LEU A 27 -24.44 21.47 -23.66
CA LEU A 27 -25.00 20.24 -24.26
C LEU A 27 -24.54 20.00 -25.71
N THR A 28 -24.48 21.07 -26.49
CA THR A 28 -23.97 21.00 -27.87
C THR A 28 -22.59 20.40 -27.92
N ALA A 29 -21.72 20.83 -27.01
CA ALA A 29 -20.33 20.42 -27.04
C ALA A 29 -20.08 18.98 -26.59
N VAL A 30 -20.95 18.41 -25.74
CA VAL A 30 -20.79 17.02 -25.23
C VAL A 30 -21.61 15.96 -25.97
N LYS A 31 -22.66 16.41 -26.67
CA LYS A 31 -23.46 15.51 -27.53
C LYS A 31 -22.66 15.01 -28.74
N GLY A 32 -23.06 13.84 -29.24
CA GLY A 32 -22.36 13.11 -30.27
C GLY A 32 -22.99 11.75 -30.51
N ASP A 33 -22.22 10.80 -31.02
CA ASP A 33 -22.75 9.50 -31.49
C ASP A 33 -21.89 8.31 -31.08
N ALA A 34 -20.93 8.52 -30.17
CA ALA A 34 -19.97 7.48 -29.79
C ALA A 34 -20.50 6.61 -28.66
N LEU A 35 -21.14 7.26 -27.71
CA LEU A 35 -21.58 6.65 -26.47
C LEU A 35 -22.98 7.16 -26.20
N THR A 36 -23.83 6.35 -25.62
CA THR A 36 -25.21 6.74 -25.38
C THR A 36 -25.46 6.84 -23.88
N ALA A 37 -25.95 7.99 -23.43
CA ALA A 37 -26.52 8.16 -22.09
C ALA A 37 -27.85 7.35 -21.96
N ARG A 38 -28.16 6.85 -20.76
CA ARG A 38 -29.30 5.97 -20.53
C ARG A 38 -29.84 6.15 -19.12
N THR A 39 -31.02 5.58 -18.89
CA THR A 39 -31.65 5.59 -17.57
C THR A 39 -32.19 4.21 -17.23
N PRO A 40 -31.94 3.72 -16.00
CA PRO A 40 -32.58 2.48 -15.56
C PRO A 40 -34.08 2.59 -15.25
N LEU A 41 -34.61 3.81 -15.15
CA LEU A 41 -36.02 4.01 -14.84
C LEU A 41 -36.94 3.36 -15.91
N THR A 42 -36.53 3.49 -17.18
CA THR A 42 -37.20 2.87 -18.33
C THR A 42 -36.29 1.94 -19.16
N GLY A 43 -35.00 1.93 -18.87
CA GLY A 43 -34.01 1.19 -19.65
C GLY A 43 -33.66 1.80 -20.99
N ALA A 44 -34.17 2.98 -21.28
CA ALA A 44 -33.99 3.59 -22.57
C ALA A 44 -32.74 4.47 -22.64
N ASP A 45 -32.26 4.62 -23.88
CA ASP A 45 -31.26 5.60 -24.24
C ASP A 45 -31.88 6.99 -24.15
N LEU A 46 -31.06 7.97 -23.80
CA LEU A 46 -31.49 9.34 -23.64
C LEU A 46 -31.03 10.17 -24.84
N PHE A 47 -29.71 10.22 -25.05
CA PHE A 47 -29.11 10.90 -26.19
C PHE A 47 -27.65 10.47 -26.31
N GLY A 48 -27.07 10.69 -27.48
CA GLY A 48 -25.70 10.27 -27.74
C GLY A 48 -24.72 11.30 -27.22
N LEU A 49 -23.51 10.85 -26.93
CA LEU A 49 -22.44 11.71 -26.44
C LEU A 49 -21.21 11.45 -27.27
N ARG A 50 -20.35 12.47 -27.39
CA ARG A 50 -18.96 12.26 -27.80
C ARG A 50 -18.23 11.37 -26.80
N ALA A 51 -17.26 10.61 -27.32
CA ALA A 51 -16.37 9.83 -26.49
C ALA A 51 -14.91 10.25 -26.71
N GLN A 52 -14.05 9.80 -25.81
CA GLN A 52 -12.62 10.01 -25.93
C GLN A 52 -12.02 8.74 -26.45
N THR A 53 -11.08 8.89 -27.39
CA THR A 53 -10.23 7.77 -27.83
C THR A 53 -9.13 7.50 -26.79
N PRO A 54 -8.48 6.32 -26.86
CA PRO A 54 -7.25 6.15 -26.07
C PRO A 54 -6.19 7.27 -26.27
N GLU A 55 -6.05 7.83 -27.46
CA GLU A 55 -5.15 9.00 -27.65
C GLU A 55 -5.57 10.18 -26.78
N ASP A 56 -6.87 10.48 -26.74
CA ASP A 56 -7.39 11.61 -25.94
C ASP A 56 -7.05 11.46 -24.47
N VAL A 57 -7.02 10.21 -23.99
CA VAL A 57 -6.69 9.91 -22.62
C VAL A 57 -5.27 10.34 -22.35
N ASP A 58 -4.36 9.98 -23.26
CA ASP A 58 -2.96 10.37 -23.11
C ASP A 58 -2.76 11.87 -23.14
N ARG A 59 -3.50 12.56 -24.00
CA ARG A 59 -3.47 14.02 -24.00
C ARG A 59 -4.00 14.60 -22.67
N ALA A 60 -5.06 14.00 -22.12
CA ALA A 60 -5.67 14.48 -20.91
C ALA A 60 -4.76 14.25 -19.68
N VAL A 61 -4.12 13.08 -19.60
CA VAL A 61 -3.10 12.79 -18.58
C VAL A 61 -1.95 13.83 -18.61
N GLU A 62 -1.44 14.13 -19.81
CA GLU A 62 -0.34 15.09 -19.93
C GLU A 62 -0.77 16.49 -19.53
N ALA A 63 -2.01 16.88 -19.87
CA ALA A 63 -2.56 18.16 -19.39
C ALA A 63 -2.61 18.15 -17.87
N ALA A 64 -3.08 17.04 -17.29
CA ALA A 64 -3.18 16.92 -15.84
C ALA A 64 -1.80 17.00 -15.15
N HIS A 65 -0.78 16.43 -15.79
CA HIS A 65 0.59 16.51 -15.30
C HIS A 65 1.19 17.91 -15.33
N THR A 66 0.95 18.63 -16.40
CA THR A 66 1.36 20.03 -16.49
C THR A 66 0.71 20.83 -15.37
N ALA A 67 -0.57 20.60 -15.15
CA ALA A 67 -1.30 21.27 -14.06
C ALA A 67 -0.69 20.94 -12.69
N PHE A 68 -0.39 19.66 -12.46
CA PHE A 68 0.27 19.17 -11.26
C PHE A 68 1.60 19.88 -10.96
N LEU A 69 2.37 20.19 -12.01
CA LEU A 69 3.66 20.88 -11.82
C LEU A 69 3.51 22.25 -11.16
N THR A 70 2.36 22.92 -11.37
CA THR A 70 2.04 24.18 -10.68
C THR A 70 1.36 23.90 -9.33
N TRP A 71 0.43 22.96 -9.32
CA TRP A 71 -0.41 22.71 -8.16
C TRP A 71 0.40 22.23 -6.95
N ARG A 72 1.43 21.41 -7.18
CA ARG A 72 2.21 20.88 -6.07
C ARG A 72 3.00 21.90 -5.26
N THR A 73 3.30 23.07 -5.84
CA THR A 73 3.91 24.16 -5.10
C THR A 73 2.89 25.18 -4.69
N THR A 74 1.61 24.97 -4.99
CA THR A 74 0.55 25.84 -4.47
C THR A 74 0.29 25.42 -3.01
N PRO A 75 0.40 26.37 -2.06
CA PRO A 75 0.24 26.04 -0.65
C PRO A 75 -1.05 25.28 -0.41
N ALA A 76 -0.98 24.17 0.32
CA ALA A 76 -2.12 23.31 0.53
C ALA A 76 -3.37 24.07 1.01
N PRO A 77 -3.20 25.08 1.88
CA PRO A 77 -4.38 25.83 2.29
C PRO A 77 -5.06 26.61 1.18
N VAL A 78 -4.29 27.06 0.18
CA VAL A 78 -4.82 27.64 -1.06
C VAL A 78 -5.52 26.56 -1.90
N ARG A 79 -4.92 25.37 -1.99
CA ARG A 79 -5.58 24.24 -2.67
C ARG A 79 -6.93 23.90 -1.98
N GLY A 80 -6.95 23.98 -0.64
CA GLY A 80 -8.19 23.89 0.14
C GLY A 80 -9.26 24.92 -0.19
N ALA A 81 -8.86 26.15 -0.47
CA ALA A 81 -9.81 27.20 -0.82
C ALA A 81 -10.59 26.84 -2.09
N LEU A 82 -9.89 26.20 -3.04
CA LEU A 82 -10.53 25.70 -4.25
C LEU A 82 -11.61 24.68 -3.90
N VAL A 83 -11.30 23.76 -3.00
CA VAL A 83 -12.23 22.69 -2.63
C VAL A 83 -13.44 23.24 -1.89
N LYS A 84 -13.21 24.25 -1.04
CA LYS A 84 -14.31 24.92 -0.33
C LYS A 84 -15.31 25.53 -1.32
N ARG A 85 -14.79 26.20 -2.33
CA ARG A 85 -15.61 26.81 -3.37
C ARG A 85 -16.37 25.77 -4.18
N PHE A 86 -15.71 24.65 -4.46
CA PHE A 86 -16.37 23.58 -5.17
C PHE A 86 -17.58 23.11 -4.36
N GLY A 87 -17.40 22.92 -3.06
CA GLY A 87 -18.46 22.48 -2.20
C GLY A 87 -19.57 23.48 -2.03
N GLU A 88 -19.25 24.78 -2.14
CA GLU A 88 -20.28 25.82 -2.26
C GLU A 88 -21.17 25.65 -3.51
N LEU A 89 -20.56 25.37 -4.67
CA LEU A 89 -21.33 25.08 -5.88
C LEU A 89 -22.15 23.76 -5.83
N LEU A 90 -21.63 22.74 -5.16
CA LEU A 90 -22.38 21.50 -4.93
C LEU A 90 -23.62 21.72 -4.08
N THR A 91 -23.48 22.52 -3.00
CA THR A 91 -24.61 22.95 -2.14
C THR A 91 -25.71 23.68 -2.93
N GLU A 92 -25.30 24.66 -3.72
CA GLU A 92 -26.19 25.43 -4.60
C GLU A 92 -26.88 24.57 -5.65
N HIS A 93 -26.22 23.52 -6.14
CA HIS A 93 -26.79 22.65 -7.17
C HIS A 93 -27.10 21.24 -6.69
N LYS A 94 -27.28 21.09 -5.38
CA LYS A 94 -27.56 19.78 -4.79
C LYS A 94 -28.75 19.04 -5.43
N GLN A 95 -29.86 19.74 -5.60
CA GLN A 95 -31.08 19.15 -6.18
C GLN A 95 -30.85 18.74 -7.63
N ASP A 96 -30.16 19.61 -8.40
CA ASP A 96 -29.89 19.34 -9.81
C ASP A 96 -29.00 18.12 -10.01
N LEU A 97 -27.95 18.03 -9.21
CA LEU A 97 -27.02 16.94 -9.29
C LEU A 97 -27.70 15.63 -8.79
N ALA A 98 -28.51 15.75 -7.76
CA ALA A 98 -29.30 14.60 -7.27
C ALA A 98 -30.32 14.06 -8.31
N ASP A 99 -30.90 14.93 -9.13
CA ASP A 99 -31.72 14.45 -10.28
C ASP A 99 -30.95 13.52 -11.19
N LEU A 100 -29.73 13.91 -11.54
CA LEU A 100 -28.89 13.11 -12.43
C LEU A 100 -28.49 11.78 -11.81
N VAL A 101 -28.29 11.78 -10.49
CA VAL A 101 -27.92 10.55 -9.79
C VAL A 101 -29.09 9.55 -9.87
N THR A 102 -30.29 10.03 -9.53
CA THR A 102 -31.50 9.21 -9.65
C THR A 102 -31.72 8.72 -11.07
N ILE A 103 -31.52 9.62 -12.03
CA ILE A 103 -31.73 9.28 -13.43
C ILE A 103 -30.79 8.19 -13.94
N GLU A 104 -29.51 8.24 -13.57
CA GLU A 104 -28.50 7.29 -14.12
C GLU A 104 -28.26 6.04 -13.27
N ALA A 105 -28.35 6.19 -11.96
CA ALA A 105 -28.12 5.07 -11.03
C ALA A 105 -29.40 4.37 -10.55
N GLY A 106 -30.55 5.03 -10.74
CA GLY A 106 -31.84 4.45 -10.38
C GLY A 106 -32.15 4.53 -8.92
N LYS A 107 -31.38 5.33 -8.17
CA LYS A 107 -31.55 5.55 -6.72
C LYS A 107 -32.72 6.41 -6.41
N ILE A 108 -33.34 6.15 -5.27
CA ILE A 108 -34.44 6.98 -4.80
C ILE A 108 -33.90 8.36 -4.43
N ARG A 109 -34.79 9.34 -4.51
CA ARG A 109 -34.48 10.75 -4.32
C ARG A 109 -33.68 11.03 -3.02
N SER A 110 -34.14 10.48 -1.90
CA SER A 110 -33.46 10.74 -0.64
C SER A 110 -32.01 10.20 -0.62
N GLU A 111 -31.75 9.04 -1.24
CA GLU A 111 -30.39 8.53 -1.40
C GLU A 111 -29.55 9.31 -2.40
N ALA A 112 -30.18 9.82 -3.46
CA ALA A 112 -29.49 10.68 -4.41
C ALA A 112 -29.08 12.00 -3.72
N LEU A 113 -29.94 12.55 -2.88
CA LEU A 113 -29.61 13.77 -2.12
C LEU A 113 -28.50 13.49 -1.11
N GLY A 114 -28.61 12.35 -0.43
CA GLY A 114 -27.59 11.86 0.51
C GLY A 114 -26.21 11.64 -0.12
N GLU A 115 -26.17 11.18 -1.37
CA GLU A 115 -24.88 11.00 -2.06
C GLU A 115 -24.22 12.35 -2.41
N VAL A 116 -25.02 13.32 -2.85
CA VAL A 116 -24.51 14.63 -3.12
C VAL A 116 -24.03 15.31 -1.82
N GLN A 117 -24.74 15.11 -0.70
CA GLN A 117 -24.33 15.69 0.57
C GLN A 117 -22.96 15.14 1.06
N GLU A 118 -22.78 13.85 0.83
CA GLU A 118 -21.52 13.16 1.02
C GLU A 118 -20.35 13.86 0.26
N MET A 119 -20.62 14.34 -0.96
CA MET A 119 -19.64 15.14 -1.69
C MET A 119 -19.32 16.42 -0.93
N ILE A 120 -20.36 17.11 -0.50
CA ILE A 120 -20.21 18.32 0.27
C ILE A 120 -19.42 18.05 1.57
N ASP A 121 -19.75 16.96 2.26
CA ASP A 121 -19.08 16.65 3.52
C ASP A 121 -17.59 16.34 3.36
N ILE A 122 -17.20 15.62 2.31
CA ILE A 122 -15.78 15.31 2.08
C ILE A 122 -15.03 16.60 1.67
N CYS A 123 -15.67 17.49 0.91
CA CYS A 123 -15.09 18.80 0.63
C CYS A 123 -14.77 19.52 1.96
N ASP A 124 -15.73 19.57 2.90
CA ASP A 124 -15.51 20.21 4.20
C ASP A 124 -14.37 19.56 4.98
N PHE A 125 -14.37 18.23 5.00
CA PHE A 125 -13.30 17.46 5.65
C PHE A 125 -11.95 17.75 4.99
N ALA A 126 -11.92 17.86 3.68
CA ALA A 126 -10.67 18.08 2.93
C ALA A 126 -10.09 19.47 3.16
N VAL A 127 -10.95 20.47 3.26
CA VAL A 127 -10.53 21.83 3.64
C VAL A 127 -9.79 21.81 5.01
N GLY A 128 -10.28 20.99 5.94
CA GLY A 128 -9.60 20.78 7.21
C GLY A 128 -8.24 20.12 7.03
N LEU A 129 -8.21 19.00 6.33
CA LEU A 129 -6.95 18.32 5.96
C LEU A 129 -5.90 19.23 5.33
N SER A 130 -6.34 20.25 4.61
CA SER A 130 -5.42 21.11 3.87
C SER A 130 -4.48 21.96 4.74
N ARG A 131 -4.81 22.09 6.04
CA ARG A 131 -3.90 22.64 7.06
C ARG A 131 -3.23 21.54 7.93
N GLN A 132 -3.43 20.27 7.60
CA GLN A 132 -2.89 19.16 8.39
C GLN A 132 -1.88 18.30 7.60
N LEU A 133 -2.35 17.33 6.82
CA LEU A 133 -1.46 16.44 6.08
C LEU A 133 -0.19 16.13 6.87
N TYR A 134 -0.39 15.68 8.11
CA TYR A 134 0.69 15.64 9.07
C TYR A 134 1.75 14.60 8.79
N GLY A 135 3.00 15.05 8.73
CA GLY A 135 4.16 14.21 8.96
C GLY A 135 4.59 14.34 10.42
N ARG A 136 5.88 14.20 10.67
CA ARG A 136 6.37 14.06 12.04
C ARG A 136 7.75 14.71 12.19
N THR A 137 7.99 15.25 13.39
CA THR A 137 9.35 15.56 13.82
C THR A 137 9.71 14.54 14.93
N MET A 138 10.94 14.05 14.89
CA MET A 138 11.40 13.08 15.90
C MET A 138 12.87 13.22 16.19
N PRO A 139 13.30 12.65 17.34
CA PRO A 139 14.72 12.70 17.66
C PRO A 139 15.57 11.86 16.71
N THR A 140 16.82 12.27 16.55
CA THR A 140 17.84 11.52 15.84
C THR A 140 18.93 11.12 16.83
N GLU A 141 19.48 9.93 16.67
CA GLU A 141 20.64 9.49 17.42
C GLU A 141 21.92 10.31 17.15
N ARG A 142 21.93 11.12 16.10
CA ARG A 142 23.13 11.86 15.67
C ARG A 142 23.18 13.24 16.36
N PRO A 143 24.25 13.53 17.14
CA PRO A 143 24.41 14.86 17.74
C PRO A 143 24.52 15.96 16.70
N GLY A 144 23.91 17.11 16.96
CA GLY A 144 23.90 18.22 16.00
C GLY A 144 23.16 17.94 14.68
N HIS A 145 22.15 17.08 14.74
CA HIS A 145 21.32 16.77 13.59
C HIS A 145 19.87 16.89 13.98
N ARG A 146 19.00 16.88 13.00
CA ARG A 146 17.55 16.93 13.20
C ARG A 146 16.94 15.95 12.20
N LEU A 147 15.82 15.36 12.58
CA LEU A 147 15.16 14.32 11.78
C LEU A 147 13.66 14.61 11.67
N MET A 148 13.12 14.41 10.50
CA MET A 148 11.71 14.62 10.30
C MET A 148 11.18 13.79 9.17
N GLU A 149 9.86 13.77 9.09
CA GLU A 149 9.14 13.08 8.05
C GLU A 149 8.18 14.07 7.38
N THR A 150 8.28 14.18 6.06
CA THR A 150 7.46 15.07 5.32
C THR A 150 6.68 14.32 4.23
N TRP A 151 5.56 14.92 3.85
CA TRP A 151 4.64 14.37 2.85
C TRP A 151 4.54 15.36 1.70
N HIS A 152 4.65 14.83 0.49
CA HIS A 152 4.62 15.62 -0.72
C HIS A 152 3.56 15.11 -1.72
N PRO A 153 3.04 16.02 -2.55
CA PRO A 153 2.23 15.66 -3.69
C PRO A 153 2.86 14.57 -4.57
N LEU A 154 2.02 13.66 -5.08
CA LEU A 154 2.46 12.49 -5.83
C LEU A 154 2.48 12.70 -7.37
N GLY A 155 1.40 13.28 -7.91
CA GLY A 155 1.22 13.37 -9.37
C GLY A 155 -0.23 13.20 -9.78
N VAL A 156 -0.42 12.72 -10.99
CA VAL A 156 -1.73 12.54 -11.57
C VAL A 156 -2.38 11.28 -10.98
N VAL A 157 -3.61 11.45 -10.52
CA VAL A 157 -4.39 10.38 -9.94
C VAL A 157 -5.50 9.96 -10.91
N GLY A 158 -5.50 8.67 -11.27
CA GLY A 158 -6.50 8.09 -12.15
C GLY A 158 -7.61 7.52 -11.29
N VAL A 159 -8.84 7.96 -11.54
CA VAL A 159 -9.99 7.56 -10.75
C VAL A 159 -10.96 6.81 -11.66
N ILE A 160 -11.21 5.55 -11.34
CA ILE A 160 -12.11 4.72 -12.13
C ILE A 160 -13.26 4.36 -11.20
N SER A 161 -14.46 4.80 -11.56
CA SER A 161 -15.63 4.63 -10.70
C SER A 161 -16.70 3.76 -11.33
N ALA A 162 -17.64 3.34 -10.47
CA ALA A 162 -18.73 2.43 -10.78
C ALA A 162 -20.05 3.17 -10.98
N PHE A 163 -21.07 2.43 -11.42
CA PHE A 163 -22.36 3.04 -11.74
C PHE A 163 -23.14 3.40 -10.50
N ASN A 164 -22.94 2.65 -9.41
CA ASN A 164 -23.87 2.69 -8.29
C ASN A 164 -23.68 3.89 -7.34
N PHE A 165 -22.45 4.39 -7.22
CA PHE A 165 -22.17 5.68 -6.56
C PHE A 165 -21.46 6.62 -7.52
N PRO A 166 -22.23 7.19 -8.48
CA PRO A 166 -21.66 7.91 -9.60
C PRO A 166 -21.00 9.26 -9.31
N VAL A 167 -21.25 9.85 -8.13
CA VAL A 167 -20.61 11.13 -7.73
C VAL A 167 -19.77 11.06 -6.44
N ALA A 168 -20.19 10.26 -5.45
CA ALA A 168 -19.51 10.26 -4.14
C ALA A 168 -18.11 9.66 -4.19
N VAL A 169 -17.98 8.55 -4.91
CA VAL A 169 -16.68 7.86 -5.01
C VAL A 169 -15.61 8.78 -5.61
N TRP A 170 -15.88 9.41 -6.74
CA TRP A 170 -14.99 10.40 -7.31
C TRP A 170 -14.71 11.55 -6.34
N ALA A 171 -15.76 12.08 -5.71
CA ALA A 171 -15.61 13.14 -4.74
C ALA A 171 -14.61 12.75 -3.63
N TRP A 172 -14.75 11.54 -3.04
CA TRP A 172 -13.83 11.08 -1.98
C TRP A 172 -12.39 11.19 -2.46
N ASN A 173 -12.15 10.74 -3.70
CA ASN A 173 -10.82 10.72 -4.29
C ASN A 173 -10.33 12.09 -4.64
N ALA A 174 -11.20 12.89 -5.25
CA ALA A 174 -10.80 14.17 -5.84
C ALA A 174 -10.65 15.29 -4.83
N ALA A 175 -11.59 15.42 -3.91
CA ALA A 175 -11.41 16.41 -2.85
C ALA A 175 -10.08 16.23 -2.10
N VAL A 176 -9.81 14.99 -1.74
CA VAL A 176 -8.60 14.60 -1.03
C VAL A 176 -7.36 14.73 -1.92
N ALA A 177 -7.39 14.18 -3.13
CA ALA A 177 -6.26 14.32 -4.08
C ALA A 177 -5.85 15.76 -4.30
N LEU A 178 -6.84 16.62 -4.58
CA LEU A 178 -6.58 18.03 -4.82
C LEU A 178 -5.99 18.81 -3.63
N VAL A 179 -6.47 18.59 -2.41
CA VAL A 179 -5.83 19.27 -1.29
C VAL A 179 -4.42 18.74 -1.07
N CYS A 180 -4.20 17.45 -1.36
CA CYS A 180 -2.87 16.82 -1.34
C CYS A 180 -1.88 17.23 -2.45
N GLY A 181 -2.27 18.15 -3.33
CA GLY A 181 -1.39 18.63 -4.40
C GLY A 181 -1.39 17.83 -5.70
N ASP A 182 -2.28 16.84 -5.80
CA ASP A 182 -2.38 15.99 -6.96
C ASP A 182 -3.39 16.59 -7.95
N THR A 183 -3.40 16.04 -9.17
CA THR A 183 -4.42 16.34 -10.17
C THR A 183 -5.16 15.04 -10.48
N VAL A 184 -6.34 15.15 -11.10
CA VAL A 184 -7.24 14.00 -11.30
C VAL A 184 -7.66 13.80 -12.77
N VAL A 185 -7.54 12.55 -13.23
CA VAL A 185 -8.18 12.10 -14.47
C VAL A 185 -9.23 11.04 -14.13
N TRP A 186 -10.48 11.29 -14.46
CA TRP A 186 -11.60 10.50 -14.00
C TRP A 186 -12.21 9.76 -15.16
N LYS A 187 -12.29 8.44 -15.05
CA LYS A 187 -12.98 7.60 -16.01
C LYS A 187 -14.24 7.07 -15.32
N PRO A 188 -15.38 7.74 -15.51
CA PRO A 188 -16.62 7.25 -14.89
C PRO A 188 -17.16 6.02 -15.60
N SER A 189 -18.02 5.25 -14.92
CA SER A 189 -18.80 4.18 -15.56
C SER A 189 -19.41 4.68 -16.90
N GLU A 190 -19.22 3.87 -17.94
CA GLU A 190 -19.94 4.02 -19.20
C GLU A 190 -21.48 4.09 -19.05
N LEU A 191 -22.01 3.55 -17.95
CA LEU A 191 -23.42 3.60 -17.62
C LEU A 191 -23.88 4.93 -17.03
N THR A 192 -22.96 5.76 -16.49
CA THR A 192 -23.33 7.00 -15.80
C THR A 192 -22.46 8.26 -16.15
N PRO A 193 -22.32 8.61 -17.44
CA PRO A 193 -21.46 9.76 -17.81
C PRO A 193 -21.96 11.17 -17.45
N LEU A 194 -23.27 11.38 -17.45
CA LEU A 194 -23.86 12.70 -17.28
C LEU A 194 -23.59 13.25 -15.89
N THR A 195 -23.72 12.37 -14.89
CA THR A 195 -23.36 12.76 -13.52
C THR A 195 -21.97 13.34 -13.53
N ALA A 196 -21.04 12.65 -14.18
CA ALA A 196 -19.64 13.09 -14.20
C ALA A 196 -19.41 14.40 -14.91
N LEU A 197 -20.06 14.57 -16.06
CA LEU A 197 -19.98 15.84 -16.80
C LEU A 197 -20.48 17.04 -15.97
N ALA A 198 -21.57 16.84 -15.20
CA ALA A 198 -22.11 17.89 -14.34
C ALA A 198 -21.19 18.23 -13.17
N CYS A 199 -20.70 17.19 -12.49
CA CYS A 199 -19.62 17.37 -11.51
C CYS A 199 -18.41 18.14 -12.06
N ALA A 200 -17.93 17.73 -13.23
CA ALA A 200 -16.71 18.35 -13.74
C ALA A 200 -16.94 19.81 -14.15
N ALA A 201 -18.15 20.11 -14.62
CA ALA A 201 -18.46 21.45 -15.06
C ALA A 201 -18.52 22.42 -13.88
N LEU A 202 -19.10 21.97 -12.77
CA LEU A 202 -19.10 22.74 -11.54
C LEU A 202 -17.68 22.96 -10.99
N LEU A 203 -16.85 21.90 -11.02
CA LEU A 203 -15.46 22.04 -10.57
C LEU A 203 -14.68 23.03 -11.47
N ASP A 204 -14.89 22.97 -12.79
CA ASP A 204 -14.30 23.93 -13.74
C ASP A 204 -14.69 25.38 -13.45
N LEU A 205 -15.94 25.61 -13.03
CA LEU A 205 -16.32 26.94 -12.54
C LEU A 205 -15.53 27.39 -11.27
N ALA A 206 -15.49 26.51 -10.27
CA ALA A 206 -14.68 26.74 -9.07
C ALA A 206 -13.25 27.14 -9.45
N ILE A 207 -12.62 26.32 -10.29
CA ILE A 207 -11.24 26.55 -10.80
C ILE A 207 -11.07 27.95 -11.41
N ALA A 208 -12.02 28.34 -12.28
CA ALA A 208 -12.04 29.68 -12.88
C ALA A 208 -12.18 30.74 -11.81
N ASP A 209 -13.07 30.57 -10.85
CA ASP A 209 -13.20 31.56 -9.77
C ASP A 209 -11.95 31.68 -8.91
N ALA A 210 -11.28 30.56 -8.64
CA ALA A 210 -10.08 30.53 -7.79
C ALA A 210 -8.83 31.02 -8.50
N GLY A 211 -8.86 31.09 -9.84
CA GLY A 211 -7.68 31.37 -10.63
C GLY A 211 -6.72 30.20 -10.66
N ALA A 212 -7.24 28.98 -10.48
CA ALA A 212 -6.42 27.79 -10.34
C ALA A 212 -6.11 27.22 -11.72
N PRO A 213 -5.12 26.30 -11.83
CA PRO A 213 -4.81 25.76 -13.15
C PRO A 213 -5.98 25.03 -13.80
N LYS A 214 -6.10 25.17 -15.12
CA LYS A 214 -7.19 24.56 -15.86
C LYS A 214 -7.17 23.04 -15.83
N GLY A 215 -5.99 22.43 -15.85
CA GLY A 215 -5.96 20.97 -15.92
C GLY A 215 -6.11 20.15 -14.64
N LEU A 216 -6.65 20.73 -13.55
CA LEU A 216 -6.69 20.03 -12.26
C LEU A 216 -7.57 18.78 -12.26
N ASN A 217 -8.67 18.83 -13.00
CA ASN A 217 -9.59 17.70 -13.13
C ASN A 217 -10.10 17.60 -14.55
N GLN A 218 -10.14 16.38 -15.06
CA GLN A 218 -10.67 16.07 -16.37
C GLN A 218 -11.41 14.76 -16.40
N VAL A 219 -12.53 14.77 -17.13
CA VAL A 219 -13.35 13.60 -17.33
C VAL A 219 -13.08 13.00 -18.70
N VAL A 220 -12.79 11.69 -18.74
CA VAL A 220 -12.66 10.96 -20.00
C VAL A 220 -13.77 9.92 -20.09
N VAL A 221 -14.63 10.08 -21.09
CA VAL A 221 -15.87 9.32 -21.21
C VAL A 221 -15.65 8.14 -22.15
N GLY A 222 -16.13 6.96 -21.75
CA GLY A 222 -16.00 5.75 -22.57
C GLY A 222 -16.02 4.49 -21.73
N ALA A 223 -15.73 3.36 -22.38
CA ALA A 223 -15.86 2.04 -21.76
C ALA A 223 -14.56 1.59 -21.04
N ALA A 224 -14.46 0.29 -20.73
CA ALA A 224 -13.31 -0.23 -20.00
C ALA A 224 -11.96 -0.08 -20.77
N ASP A 225 -11.99 0.01 -22.11
CA ASP A 225 -10.76 0.27 -22.91
C ASP A 225 -10.12 1.66 -22.69
N VAL A 226 -10.95 2.68 -22.43
CA VAL A 226 -10.48 3.99 -21.99
C VAL A 226 -9.89 3.87 -20.56
N GLY A 227 -10.53 3.07 -19.72
CA GLY A 227 -10.03 2.77 -18.37
C GLY A 227 -8.64 2.14 -18.40
N GLU A 228 -8.42 1.24 -19.35
CA GLU A 228 -7.17 0.48 -19.46
C GLU A 228 -5.99 1.38 -19.86
N ARG A 229 -6.25 2.34 -20.74
CA ARG A 229 -5.21 3.26 -21.17
C ARG A 229 -4.76 4.17 -20.01
N LEU A 230 -5.72 4.60 -19.20
CA LEU A 230 -5.43 5.32 -17.95
C LEU A 230 -4.58 4.47 -16.97
N VAL A 231 -5.01 3.23 -16.75
CA VAL A 231 -4.27 2.28 -15.91
C VAL A 231 -2.82 2.07 -16.37
N ASP A 232 -2.61 2.01 -17.69
CA ASP A 232 -1.28 1.79 -18.24
C ASP A 232 -0.37 3.03 -18.30
N SER A 233 -0.90 4.22 -18.09
CA SER A 233 -0.09 5.41 -18.25
C SER A 233 1.07 5.45 -17.21
N PRO A 234 2.34 5.57 -17.68
CA PRO A 234 3.46 5.77 -16.75
C PRO A 234 3.48 7.15 -16.08
N ARG A 235 2.60 8.06 -16.50
CA ARG A 235 2.39 9.37 -15.86
C ARG A 235 1.38 9.36 -14.72
N VAL A 236 0.79 8.21 -14.40
CA VAL A 236 -0.25 8.14 -13.35
C VAL A 236 0.27 7.26 -12.21
N PRO A 237 0.89 7.87 -11.18
CA PRO A 237 1.46 7.01 -10.08
C PRO A 237 0.42 6.34 -9.13
N LEU A 238 -0.83 6.79 -9.19
CA LEU A 238 -1.89 6.24 -8.37
C LEU A 238 -3.13 6.03 -9.22
N VAL A 239 -3.67 4.81 -9.19
CA VAL A 239 -4.93 4.51 -9.77
C VAL A 239 -5.85 4.10 -8.62
N SER A 240 -6.95 4.86 -8.43
CA SER A 240 -8.04 4.46 -7.56
C SER A 240 -9.12 3.83 -8.43
N ALA A 241 -9.34 2.52 -8.27
CA ALA A 241 -10.33 1.81 -9.06
C ALA A 241 -11.39 1.21 -8.16
N THR A 242 -12.63 1.53 -8.47
CA THR A 242 -13.80 1.01 -7.80
C THR A 242 -14.62 0.16 -8.80
N GLY A 243 -15.00 -1.05 -8.40
CA GLY A 243 -15.66 -1.96 -9.35
C GLY A 243 -15.71 -3.37 -8.83
N SER A 244 -16.04 -4.33 -9.71
CA SER A 244 -16.15 -5.75 -9.35
C SER A 244 -14.81 -6.31 -8.91
N THR A 245 -14.87 -7.40 -8.14
CA THR A 245 -13.69 -8.16 -7.73
C THR A 245 -12.88 -8.63 -8.96
N ARG A 246 -13.58 -9.07 -10.02
CA ARG A 246 -12.97 -9.49 -11.30
C ARG A 246 -11.95 -8.51 -11.90
N MET A 247 -12.29 -7.23 -11.77
CA MET A 247 -11.48 -6.15 -12.32
C MET A 247 -10.15 -5.97 -11.59
N GLY A 248 -10.13 -6.25 -10.28
CA GLY A 248 -8.91 -6.15 -9.48
C GLY A 248 -7.71 -6.90 -10.01
N ARG A 249 -7.94 -8.14 -10.41
CA ARG A 249 -6.91 -8.98 -11.07
C ARG A 249 -6.36 -8.39 -12.41
N ALA A 250 -7.12 -7.51 -13.05
CA ALA A 250 -6.60 -6.75 -14.21
C ALA A 250 -5.72 -5.58 -13.72
N VAL A 251 -6.32 -4.68 -12.95
CA VAL A 251 -5.71 -3.38 -12.63
C VAL A 251 -4.51 -3.47 -11.68
N GLY A 252 -4.69 -4.11 -10.53
CA GLY A 252 -3.62 -4.23 -9.52
C GLY A 252 -2.29 -4.76 -10.01
N PRO A 253 -2.30 -5.89 -10.76
CA PRO A 253 -1.04 -6.39 -11.33
C PRO A 253 -0.43 -5.50 -12.42
N ARG A 254 -1.26 -4.96 -13.32
CA ARG A 254 -0.79 -4.04 -14.36
C ARG A 254 -0.10 -2.82 -13.78
N VAL A 255 -0.70 -2.20 -12.78
CA VAL A 255 -0.10 -1.03 -12.16
C VAL A 255 1.15 -1.41 -11.36
N ALA A 256 1.11 -2.56 -10.68
CA ALA A 256 2.27 -3.06 -9.92
C ALA A 256 3.46 -3.28 -10.85
N ALA A 257 3.20 -3.85 -12.03
CA ALA A 257 4.24 -4.14 -13.04
C ALA A 257 4.99 -2.89 -13.50
N ARG A 258 4.34 -1.72 -13.42
CA ARG A 258 5.01 -0.47 -13.76
C ARG A 258 5.38 0.35 -12.51
N PHE A 259 5.51 -0.33 -11.37
CA PHE A 259 5.89 0.28 -10.10
C PHE A 259 4.97 1.41 -9.65
N GLY A 260 3.69 1.32 -9.97
CA GLY A 260 2.68 2.28 -9.51
C GLY A 260 1.92 1.76 -8.30
N ARG A 261 1.07 2.63 -7.76
CA ARG A 261 0.31 2.39 -6.55
C ARG A 261 -1.17 2.29 -6.92
N THR A 262 -1.92 1.44 -6.23
CA THR A 262 -3.37 1.37 -6.40
C THR A 262 -4.15 1.46 -5.07
N ILE A 263 -5.36 2.02 -5.16
CA ILE A 263 -6.37 1.91 -4.15
C ILE A 263 -7.43 1.08 -4.85
N LEU A 264 -7.66 -0.14 -4.35
CA LEU A 264 -8.66 -1.05 -4.89
C LEU A 264 -9.85 -1.23 -3.96
N GLU A 265 -11.02 -0.96 -4.51
CA GLU A 265 -12.27 -0.94 -3.79
C GLU A 265 -13.23 -1.81 -4.59
N LEU A 266 -13.24 -3.09 -4.25
CA LEU A 266 -13.81 -4.09 -5.10
C LEU A 266 -15.11 -4.64 -4.45
N GLY A 267 -15.56 -5.83 -4.85
CA GLY A 267 -16.81 -6.37 -4.32
C GLY A 267 -16.89 -6.61 -2.83
N GLY A 268 -18.13 -6.73 -2.37
CA GLY A 268 -18.44 -7.16 -1.02
C GLY A 268 -19.45 -8.29 -1.02
N ASN A 269 -19.52 -9.01 0.08
CA ASN A 269 -20.53 -10.04 0.30
C ASN A 269 -20.80 -10.05 1.79
N ASN A 270 -21.50 -9.03 2.25
CA ASN A 270 -21.49 -8.62 3.63
C ASN A 270 -22.55 -9.29 4.43
N ALA A 271 -22.19 -9.64 5.67
CA ALA A 271 -23.10 -10.35 6.58
C ALA A 271 -23.33 -9.61 7.87
N ALA A 272 -24.47 -9.94 8.47
CA ALA A 272 -24.80 -9.56 9.83
C ALA A 272 -25.17 -10.80 10.65
N VAL A 273 -24.68 -10.83 11.89
CA VAL A 273 -24.93 -11.89 12.82
C VAL A 273 -26.05 -11.39 13.73
N VAL A 274 -27.07 -12.23 13.91
CA VAL A 274 -28.19 -11.94 14.81
C VAL A 274 -28.18 -12.96 15.95
N THR A 275 -27.86 -12.47 17.13
CA THR A 275 -27.70 -13.30 18.31
C THR A 275 -29.03 -13.44 19.06
N PRO A 276 -29.13 -14.40 20.00
CA PRO A 276 -30.42 -14.58 20.66
C PRO A 276 -30.91 -13.36 21.44
N SER A 277 -30.00 -12.51 21.94
CA SER A 277 -30.42 -11.31 22.71
C SER A 277 -30.70 -10.08 21.84
N ALA A 278 -30.60 -10.20 20.53
CA ALA A 278 -30.85 -9.06 19.59
C ALA A 278 -32.21 -8.41 19.81
N ASP A 279 -32.23 -7.09 19.71
CA ASP A 279 -33.48 -6.35 19.62
C ASP A 279 -34.05 -6.65 18.22
N LEU A 280 -35.11 -7.46 18.15
CA LEU A 280 -35.66 -7.87 16.83
C LEU A 280 -36.25 -6.72 15.98
N ASP A 281 -36.83 -5.70 16.62
CA ASP A 281 -37.35 -4.54 15.87
C ASP A 281 -36.23 -3.73 15.20
N LEU A 282 -35.21 -3.40 15.98
CA LEU A 282 -34.00 -2.77 15.46
C LEU A 282 -33.38 -3.63 14.36
N THR A 283 -33.22 -4.92 14.63
CA THR A 283 -32.57 -5.84 13.70
C THR A 283 -33.32 -5.94 12.37
N VAL A 284 -34.65 -6.11 12.43
CA VAL A 284 -35.45 -6.26 11.23
C VAL A 284 -35.41 -4.99 10.38
N ASN A 285 -35.61 -3.83 10.99
CA ASN A 285 -35.50 -2.56 10.25
C ASN A 285 -34.11 -2.33 9.66
N ALA A 286 -33.07 -2.58 10.44
CA ALA A 286 -31.70 -2.43 9.98
C ALA A 286 -31.45 -3.36 8.82
N ALA A 287 -31.83 -4.61 8.99
CA ALA A 287 -31.62 -5.62 7.96
C ALA A 287 -32.39 -5.29 6.68
N VAL A 288 -33.58 -4.71 6.81
CA VAL A 288 -34.38 -4.38 5.62
C VAL A 288 -33.69 -3.30 4.77
N PHE A 289 -33.32 -2.19 5.41
CA PHE A 289 -32.65 -1.07 4.72
C PHE A 289 -31.34 -1.52 4.10
N ALA A 290 -30.57 -2.31 4.83
CA ALA A 290 -29.26 -2.71 4.36
C ALA A 290 -29.34 -3.71 3.17
N ALA A 291 -30.37 -4.57 3.17
CA ALA A 291 -30.55 -5.58 2.13
C ALA A 291 -31.24 -5.00 0.89
N ALA A 292 -32.29 -4.21 1.12
CA ALA A 292 -33.18 -3.74 0.05
C ALA A 292 -32.80 -2.37 -0.55
N GLY A 293 -32.11 -1.54 0.22
CA GLY A 293 -31.71 -0.19 -0.22
C GLY A 293 -30.85 -0.19 -1.46
N THR A 294 -31.05 0.80 -2.32
CA THR A 294 -30.33 0.92 -3.59
C THR A 294 -30.53 -0.37 -4.44
N ALA A 295 -31.69 -1.01 -4.25
CA ALA A 295 -32.01 -2.34 -4.79
C ALA A 295 -30.85 -3.36 -4.74
N GLY A 296 -30.17 -3.40 -3.59
CA GLY A 296 -29.08 -4.35 -3.37
C GLY A 296 -27.82 -4.12 -4.18
N GLN A 297 -27.66 -2.89 -4.68
CA GLN A 297 -26.55 -2.49 -5.54
C GLN A 297 -25.68 -1.43 -4.83
N ARG A 298 -25.47 -1.56 -3.52
CA ARG A 298 -24.34 -0.92 -2.84
C ARG A 298 -23.33 -2.02 -2.63
N CYS A 299 -22.06 -1.64 -2.56
CA CYS A 299 -21.01 -2.58 -2.22
CA CYS A 299 -21.01 -2.61 -2.22
C CYS A 299 -21.13 -3.03 -0.76
N THR A 300 -21.74 -2.18 0.06
CA THR A 300 -22.00 -2.50 1.46
C THR A 300 -23.36 -3.18 1.69
N THR A 301 -24.03 -3.62 0.62
CA THR A 301 -25.35 -4.26 0.74
C THR A 301 -25.25 -5.50 1.60
N LEU A 302 -26.21 -5.65 2.53
CA LEU A 302 -26.36 -6.89 3.32
C LEU A 302 -26.85 -8.06 2.44
N ARG A 303 -25.99 -9.07 2.27
CA ARG A 303 -26.28 -10.24 1.42
C ARG A 303 -26.40 -11.54 2.21
N ARG A 304 -25.83 -11.60 3.43
CA ARG A 304 -25.92 -12.79 4.28
C ARG A 304 -26.36 -12.42 5.69
N LEU A 305 -27.34 -13.17 6.20
CA LEU A 305 -27.82 -13.00 7.58
C LEU A 305 -27.59 -14.33 8.31
N ILE A 306 -26.83 -14.25 9.40
CA ILE A 306 -26.34 -15.41 10.13
C ILE A 306 -27.05 -15.38 11.48
N VAL A 307 -28.12 -16.16 11.61
CA VAL A 307 -29.09 -15.99 12.70
C VAL A 307 -29.03 -17.20 13.60
N HIS A 308 -29.11 -16.96 14.91
CA HIS A 308 -29.03 -18.05 15.87
C HIS A 308 -30.31 -18.90 15.74
N GLU A 309 -30.13 -20.23 15.78
CA GLU A 309 -31.21 -21.19 15.54
C GLU A 309 -32.44 -20.99 16.45
N ASP A 310 -32.23 -20.66 17.72
CA ASP A 310 -33.33 -20.35 18.67
C ASP A 310 -34.28 -19.23 18.28
N ILE A 311 -33.84 -18.32 17.41
CA ILE A 311 -34.70 -17.22 16.92
C ILE A 311 -34.85 -17.17 15.39
N ALA A 312 -34.31 -18.16 14.68
CA ALA A 312 -34.28 -18.12 13.23
C ALA A 312 -35.67 -18.12 12.60
N ASP A 313 -36.57 -18.95 13.12
CA ASP A 313 -37.95 -19.02 12.59
C ASP A 313 -38.68 -17.68 12.73
N THR A 314 -38.58 -17.05 13.90
CA THR A 314 -39.26 -15.77 14.09
C THR A 314 -38.64 -14.64 13.28
N VAL A 315 -37.31 -14.66 13.11
CA VAL A 315 -36.64 -13.65 12.30
C VAL A 315 -37.02 -13.78 10.83
N VAL A 316 -37.09 -14.99 10.31
CA VAL A 316 -37.50 -15.21 8.91
C VAL A 316 -38.95 -14.75 8.61
N GLU A 317 -39.88 -15.02 9.53
CA GLU A 317 -41.30 -14.59 9.38
C GLU A 317 -41.39 -13.10 9.25
N ARG A 318 -40.69 -12.40 10.14
CA ARG A 318 -40.72 -10.93 10.20
C ARG A 318 -40.12 -10.29 8.96
N LEU A 319 -39.02 -10.83 8.47
CA LEU A 319 -38.41 -10.35 7.23
C LEU A 319 -39.26 -10.72 6.01
N THR A 320 -39.83 -11.93 5.99
CA THR A 320 -40.78 -12.34 4.95
C THR A 320 -41.89 -11.31 4.81
N ALA A 321 -42.50 -10.95 5.93
CA ALA A 321 -43.55 -9.94 5.94
C ALA A 321 -43.06 -8.55 5.58
N ALA A 322 -41.89 -8.15 6.08
CA ALA A 322 -41.33 -6.82 5.71
C ALA A 322 -41.02 -6.71 4.22
N PHE A 323 -40.43 -7.76 3.65
CA PHE A 323 -40.08 -7.78 2.22
C PHE A 323 -41.31 -7.67 1.32
N GLU A 324 -42.36 -8.42 1.68
CA GLU A 324 -43.66 -8.35 1.00
C GLU A 324 -44.33 -6.98 1.03
N ARG A 325 -43.96 -6.15 2.01
CA ARG A 325 -44.50 -4.80 2.11
C ARG A 325 -43.61 -3.68 1.57
N LEU A 326 -42.44 -4.01 0.99
CA LEU A 326 -41.56 -2.96 0.46
C LEU A 326 -42.21 -2.27 -0.72
N PRO A 327 -42.34 -0.93 -0.69
CA PRO A 327 -42.89 -0.22 -1.86
C PRO A 327 -41.86 -0.12 -2.98
N ILE A 328 -42.17 -0.71 -4.12
CA ILE A 328 -41.28 -0.75 -5.26
C ILE A 328 -41.87 0.18 -6.29
N GLY A 329 -41.05 1.05 -6.87
CA GLY A 329 -41.59 2.07 -7.74
C GLY A 329 -40.60 3.00 -8.39
N ASP A 330 -41.15 4.05 -9.01
CA ASP A 330 -40.35 5.10 -9.66
C ASP A 330 -39.57 5.78 -8.56
N PRO A 331 -38.24 5.88 -8.73
CA PRO A 331 -37.41 6.48 -7.68
C PRO A 331 -37.63 7.99 -7.44
N PHE A 332 -38.27 8.69 -8.37
CA PHE A 332 -38.69 10.10 -8.11
C PHE A 332 -39.89 10.27 -7.18
N GLN A 333 -40.74 9.25 -7.01
CA GLN A 333 -41.84 9.31 -6.04
C GLN A 333 -41.36 9.12 -4.62
N ASP A 334 -41.92 9.91 -3.70
CA ASP A 334 -41.49 9.94 -2.28
C ASP A 334 -41.78 8.60 -1.57
N THR A 335 -42.82 7.91 -2.04
CA THR A 335 -43.21 6.63 -1.46
C THR A 335 -42.23 5.48 -1.76
N THR A 336 -41.45 5.59 -2.84
CA THR A 336 -40.58 4.49 -3.27
C THR A 336 -39.41 4.26 -2.28
N LEU A 337 -39.26 3.00 -1.90
CA LEU A 337 -38.13 2.54 -1.15
C LEU A 337 -37.16 1.77 -2.07
N VAL A 338 -37.68 1.02 -3.04
CA VAL A 338 -36.84 0.23 -3.97
C VAL A 338 -37.11 0.67 -5.42
N GLY A 339 -36.07 1.23 -6.03
CA GLY A 339 -36.06 1.61 -7.46
C GLY A 339 -35.63 0.42 -8.28
N PRO A 340 -35.30 0.61 -9.56
CA PRO A 340 -34.96 -0.52 -10.42
C PRO A 340 -33.51 -0.97 -10.36
N LEU A 341 -33.27 -2.19 -10.86
CA LEU A 341 -31.91 -2.67 -11.16
C LEU A 341 -31.34 -1.92 -12.37
N VAL A 342 -30.02 -1.83 -12.45
CA VAL A 342 -29.38 -0.98 -13.45
C VAL A 342 -29.72 -1.39 -14.88
N ASN A 343 -29.76 -2.70 -15.16
CA ASN A 343 -30.02 -3.19 -16.48
C ASN A 343 -30.53 -4.62 -16.51
N GLU A 344 -30.76 -5.13 -17.72
CA GLU A 344 -31.23 -6.50 -17.94
C GLU A 344 -30.24 -7.55 -17.48
N ALA A 345 -28.97 -7.32 -17.79
CA ALA A 345 -27.88 -8.20 -17.33
C ALA A 345 -27.94 -8.45 -15.82
N ALA A 346 -28.16 -7.39 -15.05
CA ALA A 346 -28.28 -7.52 -13.59
C ALA A 346 -29.48 -8.36 -13.16
N PHE A 347 -30.62 -8.16 -13.84
CA PHE A 347 -31.83 -9.00 -13.62
C PHE A 347 -31.57 -10.49 -13.95
N GLY A 348 -30.95 -10.76 -15.09
CA GLY A 348 -30.53 -12.13 -15.44
C GLY A 348 -29.67 -12.83 -14.38
N ARG A 349 -28.67 -12.12 -13.86
CA ARG A 349 -27.81 -12.69 -12.82
C ARG A 349 -28.56 -12.92 -11.49
N MET A 350 -29.53 -12.06 -11.19
CA MET A 350 -30.34 -12.22 -10.01
C MET A 350 -31.16 -13.51 -10.11
N ARG A 351 -31.92 -13.65 -11.19
CA ARG A 351 -32.70 -14.89 -11.41
C ARG A 351 -31.82 -16.12 -11.44
N GLU A 352 -30.69 -16.05 -12.14
CA GLU A 352 -29.74 -17.18 -12.16
C GLU A 352 -29.29 -17.60 -10.73
N ALA A 353 -28.99 -16.64 -9.87
CA ALA A 353 -28.56 -16.95 -8.47
C ALA A 353 -29.66 -17.57 -7.60
N VAL A 354 -30.87 -17.06 -7.74
CA VAL A 354 -31.99 -17.56 -6.96
C VAL A 354 -32.26 -19.02 -7.35
N GLU A 355 -32.16 -19.31 -8.64
CA GLU A 355 -32.39 -20.68 -9.13
C GLU A 355 -31.31 -21.60 -8.59
N ARG A 356 -30.06 -21.17 -8.69
CA ARG A 356 -28.95 -21.94 -8.14
C ARG A 356 -29.09 -22.19 -6.64
N ALA A 357 -29.53 -21.17 -5.91
CA ALA A 357 -29.72 -21.31 -4.46
C ALA A 357 -30.80 -22.36 -4.09
N THR A 358 -31.86 -22.41 -4.90
CA THR A 358 -32.95 -23.35 -4.69
C THR A 358 -32.53 -24.76 -5.15
N ALA A 359 -31.74 -24.84 -6.22
CA ALA A 359 -31.07 -26.09 -6.59
C ALA A 359 -30.09 -26.59 -5.53
N GLU A 360 -29.39 -25.68 -4.85
CA GLU A 360 -28.42 -26.04 -3.78
C GLU A 360 -29.10 -26.31 -2.39
N GLY A 361 -30.42 -26.56 -2.37
CA GLY A 361 -31.16 -26.86 -1.12
C GLY A 361 -31.94 -25.72 -0.46
N GLY A 362 -31.92 -24.53 -1.06
CA GLY A 362 -32.53 -23.35 -0.48
C GLY A 362 -34.03 -23.20 -0.73
N THR A 363 -34.67 -22.44 0.14
CA THR A 363 -36.09 -22.15 0.08
C THR A 363 -36.25 -20.65 -0.10
N LEU A 364 -36.97 -20.26 -1.16
CA LEU A 364 -37.31 -18.88 -1.40
C LEU A 364 -38.48 -18.50 -0.51
N CYS A 365 -38.25 -17.57 0.42
CA CYS A 365 -39.23 -17.16 1.40
C CYS A 365 -40.07 -15.98 0.99
N ALA A 366 -39.48 -15.04 0.25
CA ALA A 366 -40.21 -13.89 -0.23
C ALA A 366 -39.47 -13.21 -1.39
N GLY A 367 -40.22 -12.50 -2.23
CA GLY A 367 -39.67 -11.71 -3.31
C GLY A 367 -39.01 -12.47 -4.47
N GLY A 368 -38.22 -11.73 -5.25
CA GLY A 368 -37.54 -12.27 -6.44
C GLY A 368 -38.24 -12.10 -7.78
N GLU A 369 -39.49 -11.64 -7.76
CA GLU A 369 -40.27 -11.49 -8.98
C GLU A 369 -40.17 -10.08 -9.56
N ARG A 370 -40.17 -10.01 -10.88
CA ARG A 370 -40.22 -8.77 -11.61
C ARG A 370 -41.59 -8.12 -11.38
N GLN A 371 -41.57 -6.82 -11.11
CA GLN A 371 -42.78 -6.06 -10.82
C GLN A 371 -43.16 -5.27 -12.03
N PHE A 372 -44.47 -5.19 -12.28
CA PHE A 372 -45.06 -4.39 -13.36
C PHE A 372 -44.20 -4.29 -14.64
N PRO A 373 -43.89 -5.45 -15.23
CA PRO A 373 -43.06 -5.44 -16.44
C PRO A 373 -43.63 -4.56 -17.57
N ASP A 374 -44.94 -4.66 -17.80
CA ASP A 374 -45.58 -3.89 -18.87
C ASP A 374 -45.67 -2.37 -18.59
N ALA A 375 -45.52 -1.94 -17.34
CA ALA A 375 -45.40 -0.49 -17.02
C ALA A 375 -44.14 0.18 -17.59
N ALA A 376 -43.04 -0.58 -17.76
CA ALA A 376 -41.77 -0.08 -18.34
C ALA A 376 -40.96 -1.28 -18.84
N PRO A 377 -41.30 -1.77 -20.05
CA PRO A 377 -40.80 -3.07 -20.51
C PRO A 377 -39.29 -3.15 -20.61
N GLY A 378 -38.62 -2.03 -20.78
CA GLY A 378 -37.17 -2.01 -20.82
C GLY A 378 -36.46 -1.96 -19.46
N ALA A 379 -37.23 -1.83 -18.37
CA ALA A 379 -36.70 -1.60 -17.02
C ALA A 379 -36.97 -2.79 -16.14
N TYR A 380 -36.14 -2.99 -15.12
CA TYR A 380 -36.20 -4.19 -14.26
C TYR A 380 -36.33 -3.84 -12.78
N TYR A 381 -37.59 -3.63 -12.40
CA TYR A 381 -37.98 -3.43 -11.01
C TYR A 381 -38.29 -4.79 -10.41
N VAL A 382 -37.66 -5.10 -9.27
CA VAL A 382 -37.83 -6.41 -8.63
C VAL A 382 -38.04 -6.27 -7.14
N ARG A 383 -38.74 -7.25 -6.57
CA ARG A 383 -38.92 -7.34 -5.13
C ARG A 383 -37.68 -8.06 -4.62
N PRO A 384 -36.98 -7.48 -3.63
CA PRO A 384 -35.86 -8.15 -2.98
C PRO A 384 -36.18 -9.58 -2.58
N ALA A 385 -35.22 -10.48 -2.76
CA ALA A 385 -35.40 -11.89 -2.43
C ALA A 385 -34.83 -12.23 -1.05
N LEU A 386 -35.55 -13.11 -0.36
CA LEU A 386 -35.15 -13.66 0.95
C LEU A 386 -35.11 -15.17 0.80
N VAL A 387 -33.91 -15.75 0.93
CA VAL A 387 -33.69 -17.15 0.63
C VAL A 387 -33.08 -17.78 1.87
N ARG A 388 -33.77 -18.75 2.44
CA ARG A 388 -33.28 -19.52 3.57
C ARG A 388 -32.43 -20.69 3.06
N MET A 389 -31.18 -20.74 3.49
CA MET A 389 -30.20 -21.73 3.02
C MET A 389 -29.77 -22.71 4.14
N PRO A 390 -29.64 -24.01 3.82
CA PRO A 390 -29.15 -24.99 4.82
C PRO A 390 -27.62 -24.99 5.06
N ALA A 391 -26.84 -24.50 4.09
CA ALA A 391 -25.41 -24.29 4.25
C ALA A 391 -24.91 -23.07 3.44
N GLN A 392 -23.66 -22.66 3.67
CA GLN A 392 -22.99 -21.62 2.87
C GLN A 392 -22.34 -22.21 1.61
N THR A 393 -23.18 -22.51 0.64
CA THR A 393 -22.75 -23.10 -0.64
C THR A 393 -22.20 -22.04 -1.60
N ALA A 394 -21.76 -22.47 -2.77
CA ALA A 394 -21.04 -21.61 -3.73
C ALA A 394 -21.76 -20.32 -4.11
N VAL A 395 -23.06 -20.39 -4.39
CA VAL A 395 -23.79 -19.19 -4.81
C VAL A 395 -23.84 -18.17 -3.67
N VAL A 396 -23.88 -18.66 -2.44
CA VAL A 396 -23.94 -17.81 -1.25
C VAL A 396 -22.63 -17.03 -1.10
N ARG A 397 -21.52 -17.68 -1.46
CA ARG A 397 -20.18 -17.08 -1.39
C ARG A 397 -19.84 -16.16 -2.58
N GLU A 398 -20.66 -16.15 -3.63
CA GLU A 398 -20.50 -15.16 -4.72
C GLU A 398 -21.28 -13.87 -4.45
N GLU A 399 -20.72 -12.74 -4.87
CA GLU A 399 -21.45 -11.49 -4.90
C GLU A 399 -22.31 -11.54 -6.15
N THR A 400 -23.62 -11.63 -5.98
CA THR A 400 -24.54 -11.26 -7.04
C THR A 400 -25.03 -9.86 -6.73
N PHE A 401 -24.83 -8.91 -7.64
CA PHE A 401 -25.11 -7.48 -7.40
C PHE A 401 -26.61 -7.23 -7.57
N ALA A 402 -27.36 -7.63 -6.57
CA ALA A 402 -28.82 -7.66 -6.64
C ALA A 402 -29.37 -7.85 -5.23
N PRO A 403 -30.64 -7.48 -5.00
CA PRO A 403 -31.13 -7.68 -3.65
C PRO A 403 -31.49 -9.15 -3.38
N ILE A 404 -30.55 -9.89 -2.79
CA ILE A 404 -30.80 -11.27 -2.34
C ILE A 404 -30.16 -11.39 -0.98
N LEU A 405 -30.98 -11.72 0.02
CA LEU A 405 -30.50 -11.97 1.38
C LEU A 405 -30.58 -13.45 1.67
N TYR A 406 -29.42 -14.09 1.85
CA TYR A 406 -29.35 -15.49 2.27
C TYR A 406 -29.36 -15.62 3.80
N VAL A 407 -30.24 -16.47 4.32
CA VAL A 407 -30.35 -16.71 5.76
C VAL A 407 -29.76 -18.07 6.16
N LEU A 408 -28.71 -18.01 7.00
CA LEU A 408 -27.96 -19.16 7.48
C LEU A 408 -28.12 -19.21 9.01
N THR A 409 -28.23 -20.40 9.60
CA THR A 409 -28.34 -20.50 11.07
C THR A 409 -27.04 -20.90 11.74
N TYR A 410 -26.90 -20.57 13.01
CA TYR A 410 -25.74 -21.00 13.80
C TYR A 410 -26.12 -21.30 15.26
N ARG A 411 -25.17 -21.87 15.99
CA ARG A 411 -25.33 -22.17 17.39
C ARG A 411 -24.30 -21.39 18.24
N ASP A 412 -23.02 -21.65 18.04
CA ASP A 412 -21.94 -21.01 18.80
C ASP A 412 -21.46 -19.74 18.07
N LEU A 413 -21.15 -18.71 18.85
CA LEU A 413 -20.69 -17.44 18.27
C LEU A 413 -19.50 -17.63 17.33
N ASP A 414 -18.59 -18.55 17.65
CA ASP A 414 -17.40 -18.83 16.85
C ASP A 414 -17.74 -19.44 15.49
N GLU A 415 -18.84 -20.17 15.43
CA GLU A 415 -19.40 -20.68 14.17
C GLU A 415 -19.94 -19.51 13.34
N ALA A 416 -20.68 -18.58 13.96
CA ALA A 416 -21.11 -17.36 13.28
C ALA A 416 -19.93 -16.57 12.70
N ILE A 417 -18.89 -16.42 13.50
CA ILE A 417 -17.71 -15.71 13.03
C ILE A 417 -17.06 -16.43 11.86
N ARG A 418 -16.90 -17.76 11.92
CA ARG A 418 -16.31 -18.50 10.78
C ARG A 418 -17.17 -18.35 9.54
N LEU A 419 -18.50 -18.42 9.69
CA LEU A 419 -19.43 -18.24 8.57
C LEU A 419 -19.28 -16.86 7.94
N ASN A 420 -19.08 -15.82 8.77
CA ASN A 420 -18.82 -14.46 8.28
C ASN A 420 -17.56 -14.37 7.43
N ASN A 421 -16.48 -14.91 8.01
CA ASN A 421 -15.11 -14.91 7.43
C ASN A 421 -14.83 -15.91 6.27
N GLU A 422 -15.70 -16.89 6.06
CA GLU A 422 -15.47 -17.99 5.07
C GLU A 422 -15.49 -17.51 3.61
N VAL A 423 -16.16 -16.40 3.31
CA VAL A 423 -16.22 -15.89 1.93
C VAL A 423 -14.95 -15.19 1.43
N PRO A 424 -14.77 -15.07 0.11
CA PRO A 424 -13.52 -14.43 -0.37
C PRO A 424 -13.47 -12.90 -0.21
N GLN A 425 -14.63 -12.26 -0.05
CA GLN A 425 -14.73 -10.82 0.12
C GLN A 425 -14.56 -10.43 1.61
N GLY A 426 -14.29 -9.16 1.90
CA GLY A 426 -14.02 -8.73 3.28
C GLY A 426 -14.27 -7.25 3.51
N LEU A 427 -15.43 -6.77 3.05
CA LEU A 427 -15.73 -5.35 3.18
C LEU A 427 -16.32 -5.01 4.54
N SER A 428 -17.53 -5.49 4.80
CA SER A 428 -18.31 -5.02 5.94
C SER A 428 -19.00 -6.18 6.68
N ALA A 429 -19.15 -6.01 8.00
CA ALA A 429 -19.84 -6.95 8.89
C ALA A 429 -20.53 -6.24 10.05
N GLY A 430 -21.61 -6.84 10.52
CA GLY A 430 -22.34 -6.33 11.68
C GLY A 430 -22.78 -7.42 12.63
N ILE A 431 -22.89 -7.09 13.92
CA ILE A 431 -23.51 -8.00 14.91
C ILE A 431 -24.63 -7.29 15.68
N PHE A 432 -25.81 -7.92 15.68
CA PHE A 432 -26.95 -7.46 16.46
C PHE A 432 -27.07 -8.28 17.73
N THR A 433 -26.92 -7.60 18.87
CA THR A 433 -26.79 -8.24 20.16
C THR A 433 -26.92 -7.19 21.26
N ALA A 434 -27.46 -7.63 22.38
CA ALA A 434 -27.51 -6.84 23.59
C ALA A 434 -26.44 -7.32 24.57
N ASP A 435 -25.61 -8.29 24.17
CA ASP A 435 -24.63 -8.90 25.06
C ASP A 435 -23.25 -8.27 24.86
N GLN A 436 -22.73 -7.67 25.94
CA GLN A 436 -21.50 -6.92 25.92
C GLN A 436 -20.34 -7.74 25.39
N SER A 437 -20.25 -8.97 25.86
CA SER A 437 -19.19 -9.88 25.48
C SER A 437 -19.23 -10.27 23.99
N GLU A 438 -20.42 -10.56 23.47
CA GLU A 438 -20.56 -10.98 22.07
C GLU A 438 -20.13 -9.85 21.13
N ALA A 439 -20.57 -8.63 21.48
CA ALA A 439 -20.23 -7.41 20.75
C ALA A 439 -18.71 -7.27 20.61
N GLU A 440 -18.00 -7.37 21.73
CA GLU A 440 -16.55 -7.21 21.72
C GLU A 440 -15.85 -8.39 21.00
N ARG A 441 -16.39 -9.60 21.14
CA ARG A 441 -15.79 -10.78 20.50
C ARG A 441 -15.85 -10.66 18.98
N PHE A 442 -16.95 -10.10 18.50
CA PHE A 442 -17.12 -9.90 17.05
C PHE A 442 -16.08 -8.91 16.48
N LEU A 443 -15.71 -7.89 17.29
CA LEU A 443 -14.74 -6.85 16.86
C LEU A 443 -13.28 -7.18 17.16
N ALA A 444 -13.04 -8.32 17.84
CA ALA A 444 -11.72 -8.70 18.31
C ALA A 444 -10.84 -9.19 17.17
N PRO A 445 -9.51 -9.33 17.41
CA PRO A 445 -8.61 -9.83 16.35
C PRO A 445 -9.01 -11.16 15.75
N ASP A 446 -9.62 -12.03 16.56
CA ASP A 446 -10.15 -13.31 16.06
C ASP A 446 -11.67 -13.25 15.78
N GLY A 447 -12.21 -12.05 15.58
CA GLY A 447 -13.60 -11.88 15.21
C GLY A 447 -13.81 -11.73 13.72
N ALA A 448 -14.77 -10.89 13.34
CA ALA A 448 -15.01 -10.52 11.94
C ALA A 448 -13.76 -9.96 11.29
N ASP A 449 -13.43 -10.48 10.11
CA ASP A 449 -12.15 -10.19 9.42
C ASP A 449 -12.26 -9.01 8.42
N CYS A 450 -13.36 -8.26 8.47
CA CYS A 450 -13.66 -7.27 7.44
C CYS A 450 -13.05 -5.91 7.77
N GLY A 451 -12.98 -5.07 6.75
CA GLY A 451 -12.52 -3.68 6.89
C GLY A 451 -13.45 -2.78 7.73
N ILE A 452 -14.72 -3.16 7.80
CA ILE A 452 -15.70 -2.47 8.63
C ILE A 452 -16.40 -3.53 9.47
N ALA A 453 -16.40 -3.37 10.79
CA ALA A 453 -17.10 -4.30 11.70
C ALA A 453 -17.89 -3.50 12.73
N ASN A 454 -19.21 -3.64 12.67
CA ASN A 454 -20.13 -2.84 13.47
C ASN A 454 -20.96 -3.63 14.49
N VAL A 455 -21.48 -2.90 15.49
CA VAL A 455 -22.36 -3.45 16.52
C VAL A 455 -23.69 -2.69 16.53
N ASN A 456 -24.77 -3.44 16.28
CA ASN A 456 -26.17 -2.93 16.31
C ASN A 456 -26.49 -1.87 15.25
N ILE A 457 -25.77 -1.96 14.14
CA ILE A 457 -25.98 -1.18 12.93
C ILE A 457 -25.45 -2.03 11.75
N GLY A 458 -26.11 -1.94 10.61
CA GLY A 458 -25.85 -2.80 9.48
C GLY A 458 -24.56 -2.54 8.73
N THR A 459 -24.46 -3.25 7.60
CA THR A 459 -23.25 -3.28 6.81
C THR A 459 -23.00 -2.02 5.99
N SER A 460 -24.01 -1.15 5.82
CA SER A 460 -23.81 0.17 5.21
C SER A 460 -23.50 1.28 6.23
N GLY A 461 -23.25 0.91 7.50
CA GLY A 461 -22.89 1.85 8.57
C GLY A 461 -21.43 2.30 8.52
N ALA A 462 -21.21 3.40 7.80
CA ALA A 462 -19.91 4.05 7.66
C ALA A 462 -20.15 5.54 7.37
N GLU A 463 -19.11 6.34 7.54
CA GLU A 463 -19.24 7.77 7.36
C GLU A 463 -17.93 8.38 6.94
N ILE A 464 -17.99 9.65 6.59
CA ILE A 464 -16.87 10.41 6.01
C ILE A 464 -15.60 10.31 6.84
N GLY A 465 -15.73 10.40 8.16
CA GLY A 465 -14.60 10.42 9.07
C GLY A 465 -13.87 9.10 9.18
N GLY A 466 -14.54 7.99 8.83
CA GLY A 466 -13.90 6.68 8.78
C GLY A 466 -13.21 6.35 7.47
N ALA A 467 -12.10 5.63 7.55
CA ALA A 467 -11.47 5.02 6.38
C ALA A 467 -12.44 4.01 5.83
N PHE A 468 -12.77 4.14 4.56
CA PHE A 468 -13.70 3.25 3.92
C PHE A 468 -12.95 2.27 3.02
N GLY A 469 -13.21 0.98 3.23
CA GLY A 469 -12.68 -0.07 2.36
C GLY A 469 -12.69 -1.43 3.02
N GLY A 470 -12.18 -2.43 2.30
CA GLY A 470 -12.20 -3.82 2.75
C GLY A 470 -10.89 -4.56 2.58
N GLU A 471 -10.90 -5.79 3.05
CA GLU A 471 -9.79 -6.73 3.01
C GLU A 471 -10.10 -7.88 2.04
N LYS A 472 -9.11 -8.76 1.89
CA LYS A 472 -9.24 -9.97 1.05
C LYS A 472 -9.56 -9.55 -0.39
N GLU A 473 -10.53 -10.17 -1.06
CA GLU A 473 -10.83 -9.86 -2.46
C GLU A 473 -11.58 -8.52 -2.69
N THR A 474 -11.95 -7.85 -1.59
CA THR A 474 -12.36 -6.43 -1.65
C THR A 474 -11.21 -5.46 -2.04
N GLY A 475 -9.97 -5.90 -1.79
CA GLY A 475 -8.74 -5.31 -2.39
C GLY A 475 -7.77 -4.51 -1.53
N GLY A 476 -8.10 -4.29 -0.25
CA GLY A 476 -7.18 -3.60 0.68
C GLY A 476 -7.15 -2.08 0.67
N GLY A 477 -7.72 -1.42 -0.34
CA GLY A 477 -7.67 0.04 -0.40
C GLY A 477 -8.56 0.73 0.65
N ARG A 478 -8.20 1.95 1.05
CA ARG A 478 -9.01 2.81 1.91
C ARG A 478 -9.24 4.20 1.28
N GLU A 479 -10.47 4.71 1.43
CA GLU A 479 -10.87 6.05 0.95
C GLU A 479 -11.49 6.90 2.06
N SER A 480 -11.53 8.22 1.81
CA SER A 480 -12.31 9.17 2.61
C SER A 480 -11.61 9.59 3.93
N GLY A 481 -11.91 8.94 5.05
CA GLY A 481 -11.50 9.43 6.37
C GLY A 481 -10.17 8.94 6.96
N SER A 482 -10.04 9.14 8.29
CA SER A 482 -8.79 8.92 9.01
C SER A 482 -7.61 9.48 8.18
N ASP A 483 -6.51 8.75 8.07
CA ASP A 483 -5.37 9.19 7.27
C ASP A 483 -5.29 8.46 5.92
N ALA A 484 -6.45 8.17 5.35
CA ALA A 484 -6.54 7.61 4.02
C ALA A 484 -5.84 8.51 3.00
N TRP A 485 -5.77 9.82 3.27
CA TRP A 485 -5.02 10.79 2.44
C TRP A 485 -3.58 10.40 2.13
N ARG A 486 -2.93 9.66 3.03
CA ARG A 486 -1.54 9.25 2.83
C ARG A 486 -1.25 8.48 1.54
N ALA A 487 -2.23 7.74 1.05
CA ALA A 487 -2.08 6.99 -0.21
C ALA A 487 -2.01 7.90 -1.42
N TYR A 488 -2.36 9.17 -1.26
CA TYR A 488 -2.32 10.20 -2.31
C TYR A 488 -1.05 11.04 -2.27
N MET A 489 -0.14 10.77 -1.33
CA MET A 489 1.10 11.53 -1.20
C MET A 489 2.27 10.58 -1.06
N ARG A 490 3.50 11.09 -1.14
CA ARG A 490 4.70 10.31 -0.88
C ARG A 490 5.41 10.81 0.36
N ARG A 491 5.88 9.84 1.14
CA ARG A 491 6.63 10.06 2.37
C ARG A 491 8.09 10.30 2.03
N ALA A 492 8.67 11.24 2.75
CA ALA A 492 10.10 11.51 2.73
C ALA A 492 10.59 11.57 4.17
N THR A 493 11.79 11.03 4.40
CA THR A 493 12.46 11.01 5.67
C THR A 493 13.71 11.85 5.49
N ASN A 494 13.81 12.92 6.30
CA ASN A 494 14.83 13.95 6.15
C ASN A 494 15.71 14.06 7.40
N THR A 495 17.02 13.78 7.25
CA THR A 495 18.01 14.05 8.26
C THR A 495 18.79 15.28 7.83
N VAL A 496 18.89 16.25 8.73
CA VAL A 496 19.59 17.52 8.49
C VAL A 496 20.74 17.65 9.49
N ASN A 497 21.96 17.67 8.97
CA ASN A 497 23.15 17.87 9.75
C ASN A 497 23.48 19.35 9.82
N TYR A 498 23.53 19.90 11.05
CA TYR A 498 23.99 21.27 11.26
C TYR A 498 25.26 21.33 12.09
N SER A 499 25.89 20.17 12.32
CA SER A 499 27.08 20.03 13.15
C SER A 499 28.38 20.31 12.40
N GLY A 500 28.35 20.28 11.08
CA GLY A 500 29.57 20.52 10.30
C GLY A 500 30.50 19.31 10.18
N ARG A 501 30.12 18.17 10.75
CA ARG A 501 31.00 17.01 10.75
C ARG A 501 30.23 15.69 10.49
N VAL A 502 31.00 14.65 10.17
CA VAL A 502 30.48 13.32 9.78
C VAL A 502 31.24 12.25 10.53
N THR A 503 30.58 11.14 10.85
CA THR A 503 31.28 9.98 11.37
C THR A 503 32.39 9.60 10.40
N LEU A 504 33.61 9.46 10.90
CA LEU A 504 34.78 9.07 10.11
C LEU A 504 34.92 7.56 10.20
N ALA A 505 34.84 6.89 9.07
CA ALA A 505 34.88 5.46 9.02
C ALA A 505 36.28 5.00 9.41
N GLN A 506 36.33 4.11 10.39
CA GLN A 506 37.59 3.61 10.95
C GLN A 506 38.48 4.74 11.51
N GLY A 507 37.87 5.90 11.84
CA GLY A 507 38.58 7.08 12.30
C GLY A 507 39.36 7.87 11.26
N VAL A 508 39.32 7.46 10.00
CA VAL A 508 40.16 8.06 8.98
C VAL A 508 39.56 9.41 8.54
N ASP A 509 40.41 10.44 8.47
CA ASP A 509 40.02 11.76 7.99
C ASP A 509 40.73 12.00 6.69
N PHE A 510 39.97 12.12 5.59
CA PHE A 510 40.58 12.36 4.26
C PHE A 510 40.87 13.84 3.94
N SER A 511 40.71 14.76 4.91
CA SER A 511 40.98 16.19 4.68
C SER A 511 42.38 16.66 5.13
N ALA B 4 48.98 -8.55 0.21
CA ALA B 4 48.26 -8.43 1.51
C ALA B 4 48.17 -9.79 2.23
N ALA B 5 47.76 -9.74 3.50
CA ALA B 5 47.60 -10.93 4.36
C ALA B 5 46.11 -11.25 4.56
N ILE B 6 45.62 -12.31 3.92
CA ILE B 6 44.19 -12.68 3.92
C ILE B 6 43.98 -13.94 4.76
N SER B 7 42.92 -13.92 5.56
CA SER B 7 42.57 -15.07 6.40
C SER B 7 42.43 -16.35 5.55
N GLY B 8 42.92 -17.47 6.08
CA GLY B 8 42.86 -18.75 5.38
C GLY B 8 41.45 -19.33 5.42
N THR B 9 41.14 -20.12 4.41
CA THR B 9 39.81 -20.72 4.28
C THR B 9 39.51 -21.64 5.47
N ASP B 10 40.51 -22.42 5.89
CA ASP B 10 40.39 -23.31 7.04
C ASP B 10 40.02 -22.59 8.31
N GLU B 11 40.69 -21.47 8.58
CA GLU B 11 40.42 -20.72 9.79
C GLU B 11 39.07 -20.00 9.70
N ILE B 12 38.63 -19.60 8.50
CA ILE B 12 37.32 -18.96 8.31
C ILE B 12 36.22 -19.96 8.55
N ARG B 13 36.38 -21.15 7.98
CA ARG B 13 35.46 -22.26 8.23
C ARG B 13 35.30 -22.54 9.74
N ALA B 14 36.42 -22.66 10.45
CA ALA B 14 36.35 -23.00 11.88
C ALA B 14 35.73 -21.88 12.73
N ARG B 15 35.99 -20.63 12.37
CA ARG B 15 35.34 -19.49 13.00
C ARG B 15 33.80 -19.51 12.74
N ALA B 16 33.37 -19.96 11.58
CA ALA B 16 31.94 -19.97 11.26
C ALA B 16 31.22 -21.07 12.05
N GLU B 17 31.78 -22.27 12.06
CA GLU B 17 31.23 -23.38 12.81
C GLU B 17 31.14 -23.06 14.31
N GLN B 18 32.16 -22.42 14.85
CA GLN B 18 32.14 -21.99 16.24
C GLN B 18 31.03 -20.96 16.52
N ALA B 19 30.90 -19.97 15.65
CA ALA B 19 29.87 -18.95 15.78
C ALA B 19 28.46 -19.55 15.68
N LEU B 20 28.27 -20.46 14.72
CA LEU B 20 27.02 -21.22 14.60
C LEU B 20 26.66 -22.02 15.87
N THR B 21 27.59 -22.86 16.35
CA THR B 21 27.29 -23.71 17.52
C THR B 21 27.06 -22.82 18.77
N ARG B 22 27.79 -21.72 18.92
CA ARG B 22 27.56 -20.80 20.05
C ARG B 22 26.22 -20.06 20.02
N CYS B 23 25.63 -19.87 18.83
CA CYS B 23 24.30 -19.31 18.67
C CYS B 23 23.18 -20.38 18.75
N GLY B 24 23.56 -21.65 18.93
CA GLY B 24 22.61 -22.72 19.17
C GLY B 24 22.23 -23.49 17.93
N VAL B 25 23.01 -23.37 16.86
CA VAL B 25 22.71 -24.12 15.65
C VAL B 25 23.19 -25.58 15.84
N ASP B 26 22.42 -26.56 15.40
CA ASP B 26 22.88 -27.96 15.37
C ASP B 26 23.51 -28.23 14.01
N LEU B 27 24.83 -28.34 13.97
CA LEU B 27 25.56 -28.48 12.71
C LEU B 27 25.24 -29.77 11.97
N THR B 28 25.01 -30.84 12.70
CA THR B 28 24.64 -32.11 12.06
C THR B 28 23.23 -32.05 11.43
N ALA B 29 22.32 -31.29 12.03
CA ALA B 29 20.97 -31.13 11.47
C ALA B 29 20.90 -30.22 10.22
N VAL B 30 21.76 -29.19 10.13
CA VAL B 30 21.70 -28.23 9.02
C VAL B 30 22.64 -28.59 7.84
N LYS B 31 23.62 -29.46 8.08
CA LYS B 31 24.56 -29.85 7.03
C LYS B 31 23.91 -30.81 6.07
N GLY B 32 24.46 -30.85 4.86
CA GLY B 32 23.88 -31.61 3.75
C GLY B 32 24.71 -31.40 2.51
N ASP B 33 24.11 -31.56 1.32
CA ASP B 33 24.80 -31.23 0.06
C ASP B 33 23.93 -30.62 -1.05
N ALA B 34 22.84 -29.97 -0.67
CA ALA B 34 21.94 -29.31 -1.62
C ALA B 34 22.36 -27.86 -1.91
N LEU B 35 22.91 -27.17 -0.89
CA LEU B 35 23.41 -25.80 -1.04
C LEU B 35 24.71 -25.65 -0.27
N THR B 36 25.70 -25.00 -0.89
CA THR B 36 26.99 -24.82 -0.25
C THR B 36 27.15 -23.39 0.25
N ALA B 37 27.44 -23.25 1.55
CA ALA B 37 27.79 -21.96 2.15
C ALA B 37 29.18 -21.61 1.68
N ARG B 38 29.45 -20.32 1.59
CA ARG B 38 30.69 -19.77 0.98
C ARG B 38 31.18 -18.50 1.67
N THR B 39 32.38 -18.04 1.30
CA THR B 39 32.91 -16.77 1.81
C THR B 39 33.57 -15.94 0.72
N PRO B 40 33.16 -14.67 0.55
CA PRO B 40 33.86 -13.80 -0.38
C PRO B 40 35.28 -13.37 0.02
N LEU B 41 35.73 -13.71 1.22
CA LEU B 41 37.07 -13.33 1.67
C LEU B 41 38.15 -14.07 0.88
N THR B 42 37.85 -15.33 0.58
CA THR B 42 38.69 -16.19 -0.27
C THR B 42 37.97 -16.73 -1.50
N GLY B 43 36.64 -16.60 -1.56
CA GLY B 43 35.83 -17.15 -2.63
C GLY B 43 35.53 -18.62 -2.47
N ALA B 44 36.00 -19.24 -1.40
CA ALA B 44 35.98 -20.70 -1.30
C ALA B 44 34.70 -21.18 -0.66
N ASP B 45 34.36 -22.44 -0.94
CA ASP B 45 33.27 -23.13 -0.26
C ASP B 45 33.61 -23.42 1.18
N LEU B 46 32.64 -23.30 2.07
CA LEU B 46 32.85 -23.60 3.49
C LEU B 46 32.39 -25.01 3.79
N PHE B 47 31.11 -25.27 3.52
CA PHE B 47 30.51 -26.61 3.67
C PHE B 47 29.06 -26.66 3.11
N GLY B 48 28.54 -27.87 2.93
CA GLY B 48 27.24 -28.07 2.30
C GLY B 48 26.12 -27.98 3.31
N LEU B 49 24.93 -27.66 2.84
CA LEU B 49 23.77 -27.53 3.69
C LEU B 49 22.59 -28.23 3.06
N ARG B 50 21.72 -28.77 3.91
CA ARG B 50 20.35 -29.07 3.53
C ARG B 50 19.65 -27.82 2.96
N ALA B 51 18.77 -28.04 1.99
CA ALA B 51 17.93 -26.99 1.42
C ALA B 51 16.47 -27.46 1.43
N GLN B 52 15.57 -26.51 1.18
CA GLN B 52 14.15 -26.79 1.23
C GLN B 52 13.59 -27.07 -0.15
N THR B 53 12.71 -28.06 -0.23
CA THR B 53 11.88 -28.31 -1.40
C THR B 53 10.75 -27.26 -1.44
N PRO B 54 10.08 -27.13 -2.59
CA PRO B 54 8.86 -26.30 -2.58
C PRO B 54 7.75 -26.82 -1.69
N GLU B 55 7.72 -28.13 -1.46
CA GLU B 55 6.80 -28.75 -0.51
C GLU B 55 7.14 -28.33 0.92
N ASP B 56 8.43 -28.22 1.24
CA ASP B 56 8.88 -27.75 2.54
C ASP B 56 8.43 -26.31 2.84
N VAL B 57 8.40 -25.45 1.83
CA VAL B 57 7.93 -24.07 1.99
C VAL B 57 6.47 -24.07 2.45
N ASP B 58 5.65 -24.85 1.77
CA ASP B 58 4.23 -24.97 2.14
C ASP B 58 4.05 -25.57 3.54
N ARG B 59 4.92 -26.52 3.95
CA ARG B 59 4.90 -27.02 5.34
C ARG B 59 5.33 -25.97 6.35
N ALA B 60 6.28 -25.11 5.95
CA ALA B 60 6.71 -23.97 6.77
C ALA B 60 5.61 -22.93 6.93
N VAL B 61 4.89 -22.67 5.84
CA VAL B 61 3.78 -21.72 5.86
C VAL B 61 2.67 -22.24 6.80
N GLU B 62 2.38 -23.55 6.72
CA GLU B 62 1.33 -24.13 7.52
C GLU B 62 1.68 -24.06 9.00
N ALA B 63 2.94 -24.34 9.33
CA ALA B 63 3.44 -24.21 10.71
C ALA B 63 3.39 -22.75 11.24
N ALA B 64 3.78 -21.79 10.41
CA ALA B 64 3.72 -20.37 10.77
C ALA B 64 2.27 -19.92 10.98
N HIS B 65 1.37 -20.41 10.15
CA HIS B 65 -0.05 -20.05 10.24
C HIS B 65 -0.70 -20.64 11.49
N THR B 66 -0.38 -21.90 11.79
CA THR B 66 -0.86 -22.52 13.03
C THR B 66 -0.38 -21.72 14.24
N ALA B 67 0.88 -21.31 14.25
CA ALA B 67 1.39 -20.45 15.31
C ALA B 67 0.65 -19.11 15.38
N PHE B 68 0.43 -18.51 14.19
CA PHE B 68 -0.29 -17.23 14.06
C PHE B 68 -1.65 -17.25 14.77
N LEU B 69 -2.37 -18.37 14.69
CA LEU B 69 -3.70 -18.47 15.32
C LEU B 69 -3.65 -18.35 16.84
N THR B 70 -2.51 -18.69 17.46
CA THR B 70 -2.32 -18.47 18.88
C THR B 70 -1.70 -17.11 19.16
N TRP B 71 -0.75 -16.70 18.34
CA TRP B 71 0.00 -15.46 18.57
C TRP B 71 -0.88 -14.22 18.48
N ARG B 72 -1.87 -14.27 17.60
CA ARG B 72 -2.68 -13.10 17.32
C ARG B 72 -3.66 -12.69 18.42
N THR B 73 -3.96 -13.58 19.36
CA THR B 73 -4.73 -13.21 20.55
C THR B 73 -3.84 -13.18 21.79
N THR B 74 -2.54 -13.36 21.61
CA THR B 74 -1.58 -13.13 22.68
C THR B 74 -1.38 -11.61 22.77
N PRO B 75 -1.62 -11.01 23.94
CA PRO B 75 -1.54 -9.54 24.06
C PRO B 75 -0.22 -8.96 23.53
N ALA B 76 -0.31 -7.85 22.80
CA ALA B 76 0.88 -7.30 22.16
C ALA B 76 2.06 -7.04 23.11
N PRO B 77 1.81 -6.53 24.32
CA PRO B 77 2.91 -6.37 25.27
C PRO B 77 3.55 -7.70 25.72
N VAL B 78 2.79 -8.79 25.73
CA VAL B 78 3.36 -10.12 25.97
C VAL B 78 4.25 -10.48 24.76
N ARG B 79 3.76 -10.22 23.53
CA ARG B 79 4.56 -10.45 22.33
C ARG B 79 5.86 -9.62 22.35
N GLY B 80 5.76 -8.40 22.90
CA GLY B 80 6.90 -7.52 23.09
C GLY B 80 7.92 -8.09 24.08
N ALA B 81 7.43 -8.71 25.17
CA ALA B 81 8.34 -9.41 26.08
C ALA B 81 9.23 -10.39 25.30
N LEU B 82 8.70 -11.13 24.32
CA LEU B 82 9.56 -12.04 23.51
C LEU B 82 10.69 -11.31 22.74
N VAL B 83 10.33 -10.18 22.14
CA VAL B 83 11.25 -9.42 21.32
C VAL B 83 12.35 -8.78 22.19
N LYS B 84 11.97 -8.35 23.39
CA LYS B 84 12.94 -7.88 24.40
C LYS B 84 13.93 -8.99 24.71
N ARG B 85 13.43 -10.19 24.93
CA ARG B 85 14.24 -11.32 25.26
C ARG B 85 15.22 -11.67 24.12
N PHE B 86 14.73 -11.57 22.88
CA PHE B 86 15.55 -11.84 21.68
C PHE B 86 16.64 -10.79 21.52
N GLY B 87 16.27 -9.52 21.76
CA GLY B 87 17.24 -8.41 21.83
C GLY B 87 18.41 -8.69 22.76
N GLU B 88 18.09 -9.24 23.93
CA GLU B 88 19.13 -9.60 24.91
C GLU B 88 20.05 -10.74 24.45
N LEU B 89 19.48 -11.74 23.81
CA LEU B 89 20.28 -12.84 23.26
C LEU B 89 21.18 -12.37 22.13
N LEU B 90 20.66 -11.45 21.31
CA LEU B 90 21.45 -10.80 20.27
C LEU B 90 22.60 -10.05 20.89
N THR B 91 22.33 -9.32 21.98
CA THR B 91 23.37 -8.58 22.70
C THR B 91 24.45 -9.52 23.24
N GLU B 92 23.99 -10.61 23.85
CA GLU B 92 24.88 -11.62 24.38
C GLU B 92 25.79 -12.25 23.30
N HIS B 93 25.30 -12.43 22.06
CA HIS B 93 26.04 -13.10 21.00
C HIS B 93 26.42 -12.15 19.87
N LYS B 94 26.59 -10.87 20.18
CA LYS B 94 26.83 -9.84 19.17
C LYS B 94 28.07 -10.13 18.30
N GLN B 95 29.17 -10.55 18.91
CA GLN B 95 30.42 -10.83 18.19
C GLN B 95 30.37 -12.10 17.34
N ASP B 96 29.71 -13.13 17.82
CA ASP B 96 29.54 -14.36 17.05
C ASP B 96 28.71 -14.12 15.78
N LEU B 97 27.61 -13.42 15.92
CA LEU B 97 26.75 -13.08 14.78
C LEU B 97 27.48 -12.18 13.79
N ALA B 98 28.19 -11.19 14.30
CA ALA B 98 29.00 -10.31 13.48
C ALA B 98 30.06 -11.05 12.65
N ASP B 99 30.68 -12.09 13.22
CA ASP B 99 31.69 -12.89 12.50
C ASP B 99 31.05 -13.55 11.27
N LEU B 100 29.82 -14.04 11.42
CA LEU B 100 29.10 -14.65 10.30
C LEU B 100 28.75 -13.65 9.22
N VAL B 101 28.37 -12.44 9.63
CA VAL B 101 28.04 -11.37 8.68
C VAL B 101 29.29 -11.02 7.86
N THR B 102 30.44 -10.85 8.53
CA THR B 102 31.72 -10.61 7.84
C THR B 102 32.07 -11.77 6.93
N ILE B 103 31.92 -13.00 7.42
CA ILE B 103 32.30 -14.16 6.67
C ILE B 103 31.45 -14.35 5.39
N GLU B 104 30.14 -14.14 5.49
CA GLU B 104 29.24 -14.38 4.35
C GLU B 104 29.03 -13.19 3.45
N ALA B 105 28.88 -12.01 4.03
CA ALA B 105 28.65 -10.77 3.28
C ALA B 105 29.97 -10.08 2.90
N GLY B 106 31.05 -10.38 3.64
CA GLY B 106 32.39 -9.79 3.36
C GLY B 106 32.57 -8.38 3.86
N LYS B 107 31.65 -7.89 4.68
CA LYS B 107 31.74 -6.52 5.16
C LYS B 107 32.69 -6.47 6.37
N ILE B 108 33.31 -5.30 6.56
CA ILE B 108 34.33 -5.14 7.57
C ILE B 108 33.72 -5.34 8.96
N ARG B 109 34.59 -5.57 9.93
CA ARG B 109 34.15 -6.05 11.22
C ARG B 109 33.29 -4.99 11.91
N SER B 110 33.72 -3.74 11.90
CA SER B 110 32.93 -2.68 12.50
C SER B 110 31.50 -2.55 11.90
N GLU B 111 31.37 -2.72 10.59
CA GLU B 111 30.05 -2.65 9.93
C GLU B 111 29.20 -3.87 10.29
N ALA B 112 29.84 -5.02 10.45
CA ALA B 112 29.12 -6.23 10.84
C ALA B 112 28.53 -6.12 12.24
N LEU B 113 29.34 -5.64 13.16
CA LEU B 113 28.91 -5.25 14.51
C LEU B 113 27.78 -4.21 14.52
N GLY B 114 27.89 -3.21 13.66
CA GLY B 114 26.83 -2.21 13.48
C GLY B 114 25.53 -2.79 12.93
N GLU B 115 25.62 -3.78 12.06
CA GLU B 115 24.41 -4.39 11.53
C GLU B 115 23.70 -5.18 12.63
N VAL B 116 24.48 -5.88 13.45
CA VAL B 116 23.90 -6.62 14.59
C VAL B 116 23.27 -5.65 15.61
N GLN B 117 23.93 -4.51 15.87
CA GLN B 117 23.37 -3.50 16.78
C GLN B 117 22.03 -2.93 16.28
N GLU B 118 21.92 -2.75 14.98
CA GLU B 118 20.67 -2.37 14.32
C GLU B 118 19.51 -3.33 14.71
N MET B 119 19.82 -4.63 14.72
CA MET B 119 18.82 -5.65 15.10
C MET B 119 18.38 -5.42 16.54
N ILE B 120 19.35 -5.14 17.39
CA ILE B 120 19.11 -4.88 18.82
C ILE B 120 18.30 -3.61 19.02
N ASP B 121 18.65 -2.54 18.29
CA ASP B 121 17.92 -1.29 18.34
C ASP B 121 16.46 -1.39 17.85
N ILE B 122 16.20 -2.18 16.80
CA ILE B 122 14.81 -2.36 16.34
C ILE B 122 14.01 -3.22 17.34
N CYS B 123 14.64 -4.21 17.96
CA CYS B 123 13.97 -4.97 19.02
C CYS B 123 13.49 -3.97 20.08
N ASP B 124 14.38 -3.13 20.58
CA ASP B 124 14.02 -2.14 21.61
C ASP B 124 12.86 -1.22 21.20
N PHE B 125 12.86 -0.81 19.94
CA PHE B 125 11.82 0.06 19.38
C PHE B 125 10.50 -0.66 19.30
N ALA B 126 10.57 -1.93 18.88
CA ALA B 126 9.37 -2.78 18.76
C ALA B 126 8.74 -3.07 20.12
N VAL B 127 9.57 -3.20 21.13
CA VAL B 127 9.07 -3.36 22.50
C VAL B 127 8.23 -2.12 22.86
N GLY B 128 8.71 -0.94 22.46
CA GLY B 128 7.93 0.29 22.57
C GLY B 128 6.60 0.22 21.83
N LEU B 129 6.67 -0.17 20.55
CA LEU B 129 5.48 -0.27 19.71
C LEU B 129 4.41 -1.19 20.27
N SER B 130 4.84 -2.21 21.01
CA SER B 130 3.93 -3.23 21.51
C SER B 130 2.89 -2.71 22.50
N ARG B 131 3.13 -1.54 23.07
CA ARG B 131 2.13 -0.83 23.86
C ARG B 131 1.49 0.33 23.11
N GLN B 132 1.71 0.44 21.80
CA GLN B 132 1.19 1.56 20.97
C GLN B 132 0.30 1.05 19.82
N LEU B 133 0.91 0.61 18.71
CA LEU B 133 0.15 0.17 17.54
C LEU B 133 -1.18 0.93 17.42
N TYR B 134 -1.06 2.26 17.38
CA TYR B 134 -2.22 3.14 17.60
C TYR B 134 -3.20 3.19 16.43
N GLY B 135 -4.45 2.93 16.74
CA GLY B 135 -5.54 3.40 15.92
C GLY B 135 -6.06 4.68 16.54
N ARG B 136 -7.33 4.97 16.24
CA ARG B 136 -8.00 6.21 16.61
C ARG B 136 -9.39 6.00 17.21
N THR B 137 -9.81 6.94 18.03
CA THR B 137 -11.20 7.11 18.39
C THR B 137 -11.59 8.47 17.85
N MET B 138 -12.82 8.58 17.39
CA MET B 138 -13.25 9.80 16.75
C MET B 138 -14.77 9.93 16.84
N PRO B 139 -15.28 11.17 16.66
CA PRO B 139 -16.72 11.38 16.65
C PRO B 139 -17.43 10.71 15.50
N THR B 140 -18.70 10.39 15.74
CA THR B 140 -19.60 9.93 14.69
C THR B 140 -20.69 10.94 14.57
N GLU B 141 -21.18 11.13 13.36
CA GLU B 141 -22.33 11.98 13.08
C GLU B 141 -23.66 11.42 13.65
N ARG B 142 -23.67 10.15 14.07
CA ARG B 142 -24.90 9.48 14.52
C ARG B 142 -25.10 9.67 16.02
N PRO B 143 -26.27 10.21 16.45
CA PRO B 143 -26.58 10.25 17.90
C PRO B 143 -26.58 8.86 18.54
N GLY B 144 -26.08 8.76 19.75
CA GLY B 144 -26.01 7.48 20.51
C GLY B 144 -25.18 6.35 19.93
N HIS B 145 -24.20 6.71 19.10
CA HIS B 145 -23.23 5.80 18.52
C HIS B 145 -21.82 6.22 18.92
N ARG B 146 -20.86 5.32 18.74
CA ARG B 146 -19.44 5.57 18.97
C ARG B 146 -18.68 5.02 17.77
N LEU B 147 -17.55 5.65 17.44
CA LEU B 147 -16.76 5.27 16.28
C LEU B 147 -15.28 5.15 16.64
N MET B 148 -14.63 4.11 16.10
CA MET B 148 -13.20 3.94 16.31
C MET B 148 -12.56 3.25 15.13
N GLU B 149 -11.26 3.32 15.08
CA GLU B 149 -10.44 2.59 14.11
C GLU B 149 -9.45 1.73 14.90
N THR B 150 -9.43 0.43 14.61
CA THR B 150 -8.56 -0.53 15.29
C THR B 150 -7.63 -1.23 14.32
N TRP B 151 -6.55 -1.81 14.86
CA TRP B 151 -5.56 -2.53 14.06
C TRP B 151 -5.41 -3.96 14.56
N HIS B 152 -5.42 -4.91 13.63
CA HIS B 152 -5.35 -6.32 13.94
C HIS B 152 -4.22 -7.06 13.19
N PRO B 153 -3.66 -8.12 13.81
CA PRO B 153 -2.69 -8.99 13.14
C PRO B 153 -3.15 -9.50 11.75
N LEU B 154 -2.26 -9.43 10.78
CA LEU B 154 -2.59 -9.78 9.40
C LEU B 154 -2.49 -11.29 9.13
N GLY B 155 -1.34 -11.87 9.44
CA GLY B 155 -1.13 -13.30 9.26
C GLY B 155 0.34 -13.65 9.12
N VAL B 156 0.63 -14.59 8.21
CA VAL B 156 1.99 -15.06 7.94
C VAL B 156 2.64 -14.04 6.99
N VAL B 157 3.83 -13.59 7.35
CA VAL B 157 4.57 -12.61 6.57
C VAL B 157 5.74 -13.32 5.92
N GLY B 158 5.84 -13.22 4.60
CA GLY B 158 6.96 -13.80 3.86
C GLY B 158 8.06 -12.78 3.79
N VAL B 159 9.27 -13.11 4.22
CA VAL B 159 10.36 -12.15 4.21
C VAL B 159 11.47 -12.70 3.33
N ILE B 160 11.73 -12.04 2.21
CA ILE B 160 12.79 -12.42 1.30
C ILE B 160 13.86 -11.34 1.38
N SER B 161 15.09 -11.74 1.65
CA SER B 161 16.17 -10.80 1.90
C SER B 161 17.39 -11.04 0.99
N ALA B 162 18.25 -10.02 0.94
CA ALA B 162 19.41 -9.95 0.06
C ALA B 162 20.71 -10.30 0.81
N PHE B 163 21.81 -10.38 0.08
CA PHE B 163 23.08 -10.82 0.64
C PHE B 163 23.79 -9.77 1.48
N ASN B 164 23.51 -8.51 1.20
CA ASN B 164 24.37 -7.41 1.64
C ASN B 164 24.09 -6.87 3.06
N PHE B 165 22.83 -7.00 3.49
CA PHE B 165 22.44 -6.89 4.90
C PHE B 165 21.71 -8.16 5.34
N PRO B 166 22.47 -9.21 5.60
CA PRO B 166 21.87 -10.52 5.79
C PRO B 166 21.16 -10.76 7.13
N VAL B 167 21.32 -9.85 8.11
CA VAL B 167 20.58 -9.95 9.38
C VAL B 167 19.68 -8.76 9.72
N ALA B 168 20.08 -7.55 9.36
CA ALA B 168 19.31 -6.36 9.73
C ALA B 168 17.96 -6.22 9.01
N VAL B 169 17.94 -6.51 7.71
CA VAL B 169 16.69 -6.45 6.95
C VAL B 169 15.64 -7.39 7.55
N TRP B 170 16.02 -8.64 7.83
CA TRP B 170 15.12 -9.55 8.46
C TRP B 170 14.69 -8.97 9.83
N ALA B 171 15.64 -8.48 10.63
CA ALA B 171 15.34 -7.97 11.95
C ALA B 171 14.32 -6.81 11.93
N TRP B 172 14.41 -5.90 10.95
CA TRP B 172 13.41 -4.82 10.79
C TRP B 172 12.01 -5.41 10.64
N ASN B 173 11.91 -6.51 9.88
CA ASN B 173 10.63 -7.15 9.50
C ASN B 173 10.10 -8.05 10.62
N ALA B 174 10.97 -8.86 11.20
CA ALA B 174 10.57 -9.81 12.24
C ALA B 174 10.24 -9.16 13.57
N ALA B 175 11.08 -8.26 14.08
CA ALA B 175 10.76 -7.54 15.34
C ALA B 175 9.40 -6.83 15.25
N VAL B 176 9.16 -6.13 14.13
CA VAL B 176 7.93 -5.40 13.94
C VAL B 176 6.78 -6.38 13.71
N ALA B 177 6.98 -7.38 12.85
CA ALA B 177 5.92 -8.34 12.56
C ALA B 177 5.51 -9.13 13.80
N LEU B 178 6.49 -9.53 14.61
CA LEU B 178 6.19 -10.29 15.83
C LEU B 178 5.40 -9.48 16.87
N VAL B 179 5.72 -8.20 17.06
CA VAL B 179 4.91 -7.41 18.01
C VAL B 179 3.53 -7.12 17.45
N CYS B 180 3.42 -7.06 16.12
CA CYS B 180 2.13 -6.86 15.44
C CYS B 180 1.23 -8.10 15.45
N GLY B 181 1.71 -9.22 15.97
CA GLY B 181 0.95 -10.47 16.06
C GLY B 181 1.02 -11.34 14.83
N ASP B 182 1.94 -11.04 13.92
CA ASP B 182 2.20 -11.85 12.73
C ASP B 182 3.23 -12.93 13.04
N THR B 183 3.36 -13.87 12.12
CA THR B 183 4.44 -14.87 12.14
C THR B 183 5.22 -14.67 10.85
N VAL B 184 6.36 -15.34 10.75
CA VAL B 184 7.34 -15.01 9.72
C VAL B 184 7.91 -16.28 9.05
N VAL B 185 7.89 -16.30 7.73
CA VAL B 185 8.66 -17.25 6.97
C VAL B 185 9.73 -16.51 6.20
N TRP B 186 10.99 -16.85 6.50
CA TRP B 186 12.16 -16.14 6.01
C TRP B 186 12.89 -16.96 4.94
N LYS B 187 13.02 -16.36 3.76
CA LYS B 187 13.80 -16.94 2.70
C LYS B 187 15.03 -16.04 2.48
N PRO B 188 16.14 -16.37 3.16
CA PRO B 188 17.34 -15.56 2.98
C PRO B 188 18.04 -15.79 1.65
N SER B 189 18.92 -14.87 1.27
CA SER B 189 19.81 -15.09 0.13
C SER B 189 20.50 -16.45 0.16
N GLU B 190 20.62 -17.07 -0.99
CA GLU B 190 21.37 -18.32 -1.14
C GLU B 190 22.87 -18.11 -0.90
N LEU B 191 23.32 -16.85 -0.97
CA LEU B 191 24.68 -16.47 -0.63
C LEU B 191 24.98 -16.33 0.88
N THR B 192 23.94 -16.23 1.74
CA THR B 192 24.14 -15.89 3.17
C THR B 192 23.22 -16.69 4.11
N PRO B 193 23.19 -18.03 3.94
CA PRO B 193 22.32 -18.84 4.78
C PRO B 193 22.76 -19.03 6.22
N LEU B 194 24.06 -18.97 6.49
CA LEU B 194 24.59 -19.24 7.84
C LEU B 194 24.14 -18.19 8.85
N THR B 195 24.21 -16.91 8.46
CA THR B 195 23.72 -15.82 9.31
C THR B 195 22.27 -16.07 9.73
N ALA B 196 21.42 -16.49 8.79
CA ALA B 196 19.99 -16.64 9.05
C ALA B 196 19.69 -17.83 9.98
N LEU B 197 20.40 -18.93 9.80
CA LEU B 197 20.30 -20.08 10.71
C LEU B 197 20.67 -19.70 12.13
N ALA B 198 21.77 -18.97 12.28
CA ALA B 198 22.17 -18.46 13.59
C ALA B 198 21.10 -17.54 14.20
N CYS B 199 20.65 -16.56 13.42
CA CYS B 199 19.53 -15.71 13.82
C CYS B 199 18.33 -16.53 14.31
N ALA B 200 17.91 -17.51 13.51
CA ALA B 200 16.74 -18.33 13.82
C ALA B 200 16.89 -19.14 15.11
N ALA B 201 18.08 -19.64 15.38
CA ALA B 201 18.33 -20.43 16.59
C ALA B 201 18.32 -19.57 17.85
N LEU B 202 18.84 -18.35 17.76
CA LEU B 202 18.76 -17.39 18.87
C LEU B 202 17.31 -17.01 19.19
N LEU B 203 16.51 -16.73 18.15
CA LEU B 203 15.09 -16.43 18.34
C LEU B 203 14.32 -17.66 18.87
N ASP B 204 14.72 -18.86 18.45
CA ASP B 204 14.11 -20.10 18.95
C ASP B 204 14.39 -20.29 20.44
N LEU B 205 15.59 -19.95 20.88
CA LEU B 205 15.90 -19.96 22.30
C LEU B 205 15.03 -18.96 23.07
N ALA B 206 14.90 -17.75 22.52
CA ALA B 206 13.99 -16.72 23.07
C ALA B 206 12.56 -17.22 23.20
N ILE B 207 12.10 -17.94 22.20
CA ILE B 207 10.76 -18.53 22.19
C ILE B 207 10.57 -19.53 23.32
N ALA B 208 11.57 -20.37 23.56
CA ALA B 208 11.50 -21.36 24.62
C ALA B 208 11.52 -20.68 26.00
N ASP B 209 12.43 -19.73 26.19
CA ASP B 209 12.52 -18.98 27.43
C ASP B 209 11.21 -18.24 27.71
N ALA B 210 10.55 -17.72 26.66
CA ALA B 210 9.35 -16.90 26.82
C ALA B 210 8.04 -17.69 26.91
N GLY B 211 8.09 -19.00 26.65
CA GLY B 211 6.90 -19.81 26.55
C GLY B 211 6.02 -19.55 25.33
N ALA B 212 6.57 -18.91 24.30
CA ALA B 212 5.80 -18.55 23.10
C ALA B 212 5.54 -19.77 22.19
N PRO B 213 4.64 -19.65 21.20
CA PRO B 213 4.49 -20.76 20.24
C PRO B 213 5.73 -21.03 19.38
N LYS B 214 5.91 -22.28 18.98
CA LYS B 214 7.12 -22.72 18.30
C LYS B 214 7.28 -22.21 16.87
N GLY B 215 6.20 -22.13 16.13
CA GLY B 215 6.33 -21.78 14.73
C GLY B 215 6.35 -20.29 14.39
N LEU B 216 6.71 -19.41 15.32
CA LEU B 216 6.62 -17.94 15.05
C LEU B 216 7.56 -17.49 13.92
N ASN B 217 8.72 -18.13 13.82
CA ASN B 217 9.71 -17.81 12.78
C ASN B 217 10.29 -19.08 12.21
N GLN B 218 10.43 -19.11 10.90
CA GLN B 218 10.81 -20.32 10.15
C GLN B 218 11.79 -19.89 9.05
N VAL B 219 12.89 -20.61 8.89
CA VAL B 219 13.84 -20.28 7.83
C VAL B 219 13.78 -21.32 6.71
N VAL B 220 13.65 -20.87 5.47
CA VAL B 220 13.65 -21.77 4.31
C VAL B 220 14.86 -21.43 3.45
N VAL B 221 15.81 -22.36 3.40
CA VAL B 221 17.09 -22.17 2.75
C VAL B 221 16.95 -22.60 1.30
N GLY B 222 17.36 -21.72 0.39
CA GLY B 222 17.46 -22.09 -1.03
C GLY B 222 17.52 -20.88 -1.93
N ALA B 223 17.29 -21.11 -3.22
CA ALA B 223 17.49 -20.07 -4.25
C ALA B 223 16.17 -19.38 -4.61
N ALA B 224 16.09 -18.77 -5.79
CA ALA B 224 14.91 -17.99 -6.17
C ALA B 224 13.62 -18.83 -6.29
N ASP B 225 13.76 -20.12 -6.61
CA ASP B 225 12.59 -21.01 -6.77
C ASP B 225 11.81 -21.23 -5.44
N VAL B 226 12.55 -21.29 -4.34
CA VAL B 226 11.99 -21.38 -2.98
C VAL B 226 11.29 -20.05 -2.64
N GLY B 227 11.88 -18.94 -3.03
CA GLY B 227 11.23 -17.63 -2.90
C GLY B 227 9.93 -17.52 -3.67
N GLU B 228 9.93 -18.06 -4.89
CA GLU B 228 8.76 -18.05 -5.76
C GLU B 228 7.58 -18.78 -5.13
N ARG B 229 7.83 -19.99 -4.59
CA ARG B 229 6.79 -20.74 -3.89
C ARG B 229 6.23 -19.98 -2.69
N LEU B 230 7.10 -19.27 -1.98
CA LEU B 230 6.67 -18.46 -0.84
C LEU B 230 5.79 -17.32 -1.32
N VAL B 231 6.22 -16.65 -2.40
CA VAL B 231 5.48 -15.57 -3.03
C VAL B 231 4.06 -15.98 -3.51
N ASP B 232 3.92 -17.22 -3.98
CA ASP B 232 2.64 -17.70 -4.52
C ASP B 232 1.66 -18.17 -3.48
N SER B 233 2.05 -18.23 -2.20
CA SER B 233 1.21 -18.90 -1.21
C SER B 233 -0.05 -18.09 -0.88
N PRO B 234 -1.25 -18.71 -1.01
CA PRO B 234 -2.45 -18.01 -0.58
C PRO B 234 -2.54 -17.73 0.92
N ARG B 235 -1.76 -18.42 1.75
CA ARG B 235 -1.76 -18.16 3.22
C ARG B 235 -0.75 -17.10 3.66
N VAL B 236 -0.09 -16.38 2.73
CA VAL B 236 0.89 -15.34 3.06
C VAL B 236 0.35 -13.98 2.60
N PRO B 237 -0.37 -13.28 3.48
CA PRO B 237 -0.99 -12.04 2.99
C PRO B 237 -0.02 -10.84 2.78
N LEU B 238 1.21 -10.95 3.27
CA LEU B 238 2.22 -9.88 3.11
C LEU B 238 3.57 -10.50 2.79
N VAL B 239 4.17 -10.08 1.67
CA VAL B 239 5.50 -10.45 1.31
C VAL B 239 6.35 -9.17 1.40
N SER B 240 7.39 -9.21 2.22
CA SER B 240 8.40 -8.16 2.22
C SER B 240 9.57 -8.68 1.43
N ALA B 241 9.87 -8.05 0.32
CA ALA B 241 10.95 -8.50 -0.56
C ALA B 241 11.96 -7.39 -0.77
N THR B 242 13.21 -7.73 -0.48
CA THR B 242 14.36 -6.85 -0.68
C THR B 242 15.31 -7.53 -1.68
N GLY B 243 15.83 -6.74 -2.62
CA GLY B 243 16.62 -7.26 -3.75
C GLY B 243 16.70 -6.24 -4.87
N SER B 244 17.19 -6.68 -6.04
CA SER B 244 17.20 -5.86 -7.27
C SER B 244 15.84 -5.39 -7.73
N THR B 245 15.82 -4.21 -8.35
CA THR B 245 14.65 -3.68 -9.08
C THR B 245 14.03 -4.70 -10.04
N ARG B 246 14.86 -5.57 -10.63
CA ARG B 246 14.41 -6.71 -11.44
C ARG B 246 13.34 -7.54 -10.79
N MET B 247 13.56 -7.87 -9.52
CA MET B 247 12.60 -8.68 -8.77
C MET B 247 11.19 -8.06 -8.66
N GLY B 248 11.13 -6.73 -8.54
CA GLY B 248 9.87 -6.01 -8.39
C GLY B 248 8.83 -6.35 -9.44
N ARG B 249 9.26 -6.40 -10.69
CA ARG B 249 8.35 -6.74 -11.79
C ARG B 249 7.81 -8.17 -11.70
N ALA B 250 8.52 -9.09 -11.04
CA ALA B 250 8.04 -10.46 -10.84
C ALA B 250 7.09 -10.56 -9.63
N VAL B 251 7.62 -10.19 -8.47
CA VAL B 251 6.95 -10.35 -7.17
C VAL B 251 5.68 -9.49 -7.00
N GLY B 252 5.82 -8.17 -7.23
CA GLY B 252 4.73 -7.21 -7.04
C GLY B 252 3.43 -7.60 -7.72
N PRO B 253 3.47 -7.89 -9.03
CA PRO B 253 2.24 -8.26 -9.75
C PRO B 253 1.68 -9.60 -9.35
N ARG B 254 2.57 -10.57 -9.10
CA ARG B 254 2.14 -11.89 -8.63
C ARG B 254 1.35 -11.81 -7.35
N VAL B 255 1.89 -11.09 -6.36
CA VAL B 255 1.23 -10.96 -5.09
C VAL B 255 -0.10 -10.19 -5.28
N ALA B 256 -0.08 -9.16 -6.13
CA ALA B 256 -1.28 -8.35 -6.40
C ALA B 256 -2.41 -9.16 -7.05
N ALA B 257 -2.02 -10.11 -7.91
CA ALA B 257 -2.94 -10.96 -8.64
C ALA B 257 -3.75 -11.87 -7.71
N ARG B 258 -3.20 -12.18 -6.53
CA ARG B 258 -3.93 -12.94 -5.51
C ARG B 258 -4.42 -12.07 -4.34
N PHE B 259 -4.54 -10.76 -4.58
CA PHE B 259 -4.96 -9.74 -3.63
C PHE B 259 -4.16 -9.70 -2.33
N GLY B 260 -2.86 -9.99 -2.40
CA GLY B 260 -1.97 -9.83 -1.25
C GLY B 260 -1.29 -8.48 -1.25
N ARG B 261 -0.51 -8.24 -0.19
CA ARG B 261 0.16 -6.98 0.04
C ARG B 261 1.67 -7.20 -0.12
N THR B 262 2.38 -6.20 -0.62
CA THR B 262 3.84 -6.23 -0.62
C THR B 262 4.50 -5.00 -0.07
N ILE B 263 5.68 -5.21 0.47
CA ILE B 263 6.64 -4.20 0.83
C ILE B 263 7.83 -4.48 -0.08
N LEU B 264 8.07 -3.58 -1.03
CA LEU B 264 9.15 -3.74 -2.00
C LEU B 264 10.27 -2.73 -1.72
N GLU B 265 11.48 -3.29 -1.52
CA GLU B 265 12.68 -2.54 -1.16
C GLU B 265 13.76 -2.90 -2.17
N LEU B 266 13.72 -2.23 -3.32
CA LEU B 266 14.50 -2.67 -4.45
C LEU B 266 15.77 -1.82 -4.62
N GLY B 267 16.34 -1.76 -5.82
CA GLY B 267 17.60 -1.05 -6.03
C GLY B 267 17.58 0.45 -5.81
N GLY B 268 18.78 1.00 -5.64
CA GLY B 268 19.00 2.43 -5.48
C GLY B 268 20.04 2.93 -6.47
N ASN B 269 20.04 4.24 -6.68
CA ASN B 269 21.03 4.89 -7.53
C ASN B 269 21.18 6.29 -7.03
N ASN B 270 21.81 6.39 -5.87
CA ASN B 270 21.71 7.55 -5.03
C ASN B 270 22.74 8.59 -5.36
N ALA B 271 22.31 9.85 -5.38
CA ALA B 271 23.14 10.98 -5.72
C ALA B 271 23.32 11.96 -4.56
N ALA B 272 24.45 12.68 -4.58
CA ALA B 272 24.60 13.84 -3.69
C ALA B 272 24.91 15.07 -4.54
N VAL B 273 24.32 16.20 -4.14
CA VAL B 273 24.57 17.47 -4.79
C VAL B 273 25.56 18.24 -3.92
N VAL B 274 26.63 18.75 -4.56
CA VAL B 274 27.66 19.52 -3.91
C VAL B 274 27.63 20.92 -4.50
N THR B 275 27.21 21.88 -3.68
CA THR B 275 26.99 23.25 -4.09
C THR B 275 28.26 24.08 -3.90
N PRO B 276 28.31 25.31 -4.48
CA PRO B 276 29.49 26.17 -4.30
C PRO B 276 29.88 26.47 -2.84
N SER B 277 28.92 26.53 -1.90
CA SER B 277 29.22 26.81 -0.49
C SER B 277 29.48 25.54 0.34
N ALA B 278 29.46 24.36 -0.26
CA ALA B 278 29.75 23.12 0.46
C ALA B 278 31.08 23.15 1.20
N ASP B 279 31.08 22.58 2.41
CA ASP B 279 32.31 22.37 3.19
C ASP B 279 32.97 21.17 2.53
N LEU B 280 34.13 21.41 1.88
CA LEU B 280 34.75 20.39 1.05
C LEU B 280 35.43 19.28 1.82
N ASP B 281 35.98 19.58 3.01
CA ASP B 281 36.50 18.51 3.88
C ASP B 281 35.38 17.52 4.29
N LEU B 282 34.28 18.08 4.79
CA LEU B 282 33.09 17.33 5.12
C LEU B 282 32.56 16.56 3.92
N THR B 283 32.41 17.24 2.79
CA THR B 283 31.85 16.61 1.57
C THR B 283 32.71 15.43 1.12
N VAL B 284 34.04 15.63 1.10
CA VAL B 284 34.97 14.59 0.69
C VAL B 284 34.95 13.37 1.62
N ASN B 285 34.94 13.59 2.93
CA ASN B 285 34.79 12.47 3.87
C ASN B 285 33.46 11.76 3.69
N ALA B 286 32.37 12.52 3.58
CA ALA B 286 31.05 11.91 3.50
C ALA B 286 30.91 11.09 2.22
N ALA B 287 31.33 11.69 1.11
CA ALA B 287 31.23 11.04 -0.20
C ALA B 287 32.05 9.77 -0.28
N VAL B 288 33.30 9.81 0.20
CA VAL B 288 34.17 8.62 0.22
C VAL B 288 33.57 7.48 1.00
N PHE B 289 33.04 7.78 2.16
CA PHE B 289 32.51 6.73 3.02
C PHE B 289 31.25 6.11 2.42
N ALA B 290 30.38 6.96 1.86
CA ALA B 290 29.15 6.47 1.24
C ALA B 290 29.36 5.75 -0.11
N ALA B 291 30.40 6.13 -0.85
CA ALA B 291 30.72 5.48 -2.14
C ALA B 291 31.48 4.17 -1.99
N ALA B 292 32.45 4.17 -1.09
CA ALA B 292 33.39 3.03 -0.92
C ALA B 292 33.00 2.04 0.15
N GLY B 293 32.28 2.53 1.16
CA GLY B 293 31.82 1.69 2.28
C GLY B 293 31.10 0.47 1.76
N THR B 294 31.37 -0.68 2.38
CA THR B 294 30.75 -1.95 2.01
C THR B 294 31.08 -2.39 0.55
N ALA B 295 32.19 -1.88 0.00
CA ALA B 295 32.61 -2.11 -1.38
C ALA B 295 31.50 -1.74 -2.38
N GLY B 296 30.82 -0.64 -2.05
CA GLY B 296 29.73 -0.12 -2.86
C GLY B 296 28.53 -1.05 -2.98
N GLN B 297 28.31 -1.91 -1.99
CA GLN B 297 27.27 -2.91 -2.02
C GLN B 297 26.17 -2.65 -0.98
N ARG B 298 25.84 -1.37 -0.76
CA ARG B 298 24.61 -1.01 -0.02
C ARG B 298 23.61 -0.51 -1.03
N CYS B 299 22.35 -0.69 -0.72
CA CYS B 299 21.30 -0.09 -1.53
CA CYS B 299 21.30 -0.07 -1.50
C CYS B 299 21.35 1.44 -1.41
N THR B 300 21.88 1.96 -0.29
CA THR B 300 22.09 3.40 -0.02
C THR B 300 23.44 3.95 -0.51
N THR B 301 24.22 3.13 -1.19
CA THR B 301 25.55 3.53 -1.67
C THR B 301 25.47 4.77 -2.52
N LEU B 302 26.42 5.67 -2.33
CA LEU B 302 26.57 6.84 -3.18
C LEU B 302 27.20 6.46 -4.52
N ARG B 303 26.42 6.67 -5.58
CA ARG B 303 26.80 6.33 -6.94
C ARG B 303 26.91 7.52 -7.89
N ARG B 304 26.28 8.65 -7.56
CA ARG B 304 26.29 9.83 -8.43
C ARG B 304 26.62 11.08 -7.62
N LEU B 305 27.58 11.86 -8.08
CA LEU B 305 27.96 13.09 -7.38
C LEU B 305 27.74 14.22 -8.35
N ILE B 306 26.79 15.11 -8.04
CA ILE B 306 26.40 16.19 -8.93
C ILE B 306 26.99 17.48 -8.38
N VAL B 307 28.12 17.89 -8.99
CA VAL B 307 28.97 18.94 -8.44
C VAL B 307 28.86 20.24 -9.23
N HIS B 308 28.79 21.37 -8.54
CA HIS B 308 28.73 22.64 -9.25
C HIS B 308 30.05 22.88 -10.00
N GLU B 309 29.93 23.40 -11.23
CA GLU B 309 31.06 23.57 -12.17
C GLU B 309 32.24 24.40 -11.64
N ASP B 310 31.95 25.46 -10.88
CA ASP B 310 32.98 26.25 -10.18
C ASP B 310 33.86 25.48 -9.19
N ILE B 311 33.36 24.41 -8.59
CA ILE B 311 34.21 23.57 -7.69
C ILE B 311 34.54 22.19 -8.20
N ALA B 312 34.02 21.83 -9.37
CA ALA B 312 34.16 20.43 -9.87
C ALA B 312 35.61 19.92 -9.97
N ASP B 313 36.54 20.73 -10.47
CA ASP B 313 37.94 20.26 -10.56
C ASP B 313 38.55 19.99 -9.17
N THR B 314 38.43 20.94 -8.24
CA THR B 314 38.94 20.72 -6.89
C THR B 314 38.31 19.46 -6.26
N VAL B 315 36.99 19.27 -6.43
CA VAL B 315 36.33 18.11 -5.83
C VAL B 315 36.87 16.78 -6.41
N VAL B 316 37.01 16.71 -7.74
CA VAL B 316 37.52 15.48 -8.41
C VAL B 316 38.97 15.19 -8.01
N GLU B 317 39.78 16.24 -7.94
CA GLU B 317 41.18 16.11 -7.50
C GLU B 317 41.26 15.50 -6.09
N ARG B 318 40.53 16.07 -5.15
CA ARG B 318 40.48 15.59 -3.76
C ARG B 318 39.91 14.18 -3.60
N LEU B 319 38.83 13.87 -4.34
CA LEU B 319 38.30 12.48 -4.38
C LEU B 319 39.29 11.49 -5.01
N THR B 320 40.00 11.93 -6.04
CA THR B 320 41.04 11.12 -6.66
C THR B 320 42.12 10.73 -5.65
N ALA B 321 42.66 11.71 -4.94
CA ALA B 321 43.67 11.45 -3.92
C ALA B 321 43.15 10.53 -2.81
N ALA B 322 41.89 10.73 -2.37
CA ALA B 322 41.30 9.90 -1.33
C ALA B 322 41.12 8.47 -1.82
N PHE B 323 40.56 8.30 -3.03
CA PHE B 323 40.35 6.96 -3.60
C PHE B 323 41.66 6.17 -3.74
N GLU B 324 42.75 6.86 -4.12
CA GLU B 324 44.07 6.25 -4.23
C GLU B 324 44.66 5.78 -2.91
N ARG B 325 44.29 6.45 -1.81
CA ARG B 325 44.68 6.11 -0.44
C ARG B 325 43.80 5.08 0.28
N LEU B 326 42.62 4.73 -0.24
CA LEU B 326 41.73 3.79 0.46
C LEU B 326 42.42 2.45 0.73
N PRO B 327 42.42 2.00 2.00
CA PRO B 327 42.98 0.68 2.32
C PRO B 327 42.01 -0.42 2.04
N ILE B 328 42.44 -1.36 1.21
CA ILE B 328 41.66 -2.49 0.77
C ILE B 328 42.28 -3.77 1.36
N GLY B 329 41.47 -4.69 1.87
CA GLY B 329 42.03 -5.79 2.63
C GLY B 329 41.02 -6.72 3.24
N ASP B 330 41.55 -7.66 4.02
CA ASP B 330 40.79 -8.61 4.82
C ASP B 330 39.85 -7.82 5.69
N PRO B 331 38.55 -8.13 5.65
CA PRO B 331 37.58 -7.39 6.46
C PRO B 331 37.63 -7.71 7.97
N PHE B 332 38.39 -8.74 8.36
CA PHE B 332 38.71 -9.00 9.77
C PHE B 332 39.85 -8.12 10.33
N GLN B 333 40.55 -7.39 9.47
CA GLN B 333 41.61 -6.47 9.90
C GLN B 333 41.05 -5.08 10.07
N ASP B 334 41.30 -4.51 11.24
CA ASP B 334 40.75 -3.21 11.59
C ASP B 334 41.24 -2.06 10.69
N THR B 335 42.42 -2.21 10.12
CA THR B 335 42.93 -1.19 9.19
C THR B 335 42.16 -1.15 7.87
N THR B 336 41.52 -2.27 7.49
CA THR B 336 40.72 -2.34 6.26
C THR B 336 39.52 -1.43 6.27
N LEU B 337 39.34 -0.69 5.18
CA LEU B 337 38.12 0.09 4.95
C LEU B 337 37.21 -0.52 3.88
N VAL B 338 37.79 -1.08 2.82
CA VAL B 338 37.07 -1.71 1.72
C VAL B 338 37.40 -3.20 1.71
N GLY B 339 36.40 -4.03 1.98
CA GLY B 339 36.54 -5.48 1.89
C GLY B 339 36.24 -5.94 0.47
N PRO B 340 36.08 -7.26 0.26
CA PRO B 340 35.88 -7.78 -1.09
C PRO B 340 34.47 -7.62 -1.65
N LEU B 341 34.35 -7.73 -2.98
CA LEU B 341 33.06 -7.85 -3.64
C LEU B 341 32.58 -9.25 -3.40
N VAL B 342 31.27 -9.46 -3.57
CA VAL B 342 30.64 -10.70 -3.17
C VAL B 342 31.09 -11.93 -3.98
N ASN B 343 31.27 -11.78 -5.30
CA ASN B 343 31.70 -12.88 -6.16
C ASN B 343 32.30 -12.39 -7.50
N GLU B 344 32.69 -13.33 -8.36
CA GLU B 344 33.21 -13.00 -9.68
C GLU B 344 32.24 -12.19 -10.55
N ALA B 345 30.99 -12.61 -10.59
CA ALA B 345 29.98 -11.93 -11.41
C ALA B 345 29.89 -10.44 -11.04
N ALA B 346 29.94 -10.14 -9.73
CA ALA B 346 29.93 -8.76 -9.28
C ALA B 346 31.13 -7.96 -9.80
N PHE B 347 32.29 -8.60 -9.88
CA PHE B 347 33.48 -7.95 -10.41
C PHE B 347 33.32 -7.76 -11.92
N GLY B 348 32.79 -8.77 -12.60
CA GLY B 348 32.54 -8.69 -14.04
C GLY B 348 31.62 -7.54 -14.41
N ARG B 349 30.52 -7.39 -13.66
CA ARG B 349 29.57 -6.30 -13.92
C ARG B 349 30.17 -4.92 -13.68
N MET B 350 30.98 -4.78 -12.63
CA MET B 350 31.70 -3.53 -12.36
C MET B 350 32.62 -3.13 -13.54
N ARG B 351 33.42 -4.08 -13.99
CA ARG B 351 34.32 -3.87 -15.11
C ARG B 351 33.57 -3.49 -16.38
N GLU B 352 32.44 -4.16 -16.63
CA GLU B 352 31.58 -3.86 -17.79
C GLU B 352 30.96 -2.46 -17.74
N ALA B 353 30.57 -2.01 -16.54
CA ALA B 353 30.02 -0.64 -16.39
C ALA B 353 31.06 0.42 -16.69
N VAL B 354 32.28 0.17 -16.21
CA VAL B 354 33.38 1.11 -16.38
C VAL B 354 33.79 1.19 -17.86
N GLU B 355 33.90 0.06 -18.53
CA GLU B 355 34.14 0.04 -19.98
C GLU B 355 33.01 0.74 -20.73
N ARG B 356 31.76 0.49 -20.35
CA ARG B 356 30.63 1.21 -20.93
C ARG B 356 30.71 2.74 -20.70
N ALA B 357 31.01 3.16 -19.47
CA ALA B 357 31.10 4.60 -19.14
C ALA B 357 32.15 5.32 -19.96
N THR B 358 33.30 4.68 -20.21
CA THR B 358 34.34 5.29 -21.06
C THR B 358 33.90 5.35 -22.52
N ALA B 359 33.21 4.32 -23.00
CA ALA B 359 32.62 4.33 -24.34
C ALA B 359 31.55 5.41 -24.49
N GLU B 360 30.85 5.74 -23.40
CA GLU B 360 29.84 6.79 -23.44
C GLU B 360 30.41 8.19 -23.20
N GLY B 361 31.73 8.34 -23.21
CA GLY B 361 32.39 9.64 -23.09
C GLY B 361 33.02 9.95 -21.73
N GLY B 362 33.10 8.94 -20.85
CA GLY B 362 33.61 9.12 -19.50
C GLY B 362 35.12 9.00 -19.37
N THR B 363 35.65 9.44 -18.25
CA THR B 363 37.07 9.30 -17.92
C THR B 363 37.24 8.72 -16.52
N LEU B 364 37.80 7.52 -16.46
CA LEU B 364 38.23 6.91 -15.22
C LEU B 364 39.32 7.76 -14.57
N CYS B 365 39.01 8.36 -13.41
CA CYS B 365 39.94 9.23 -12.68
C CYS B 365 40.81 8.50 -11.66
N ALA B 366 40.28 7.43 -11.08
CA ALA B 366 40.98 6.66 -10.05
C ALA B 366 40.28 5.35 -9.88
N GLY B 367 41.00 4.36 -9.37
CA GLY B 367 40.45 3.08 -9.00
C GLY B 367 40.08 2.18 -10.15
N GLY B 368 39.39 1.08 -9.81
CA GLY B 368 38.92 0.10 -10.79
C GLY B 368 39.75 -1.16 -10.89
N GLU B 369 40.99 -1.13 -10.40
CA GLU B 369 41.86 -2.29 -10.54
C GLU B 369 41.60 -3.28 -9.43
N ARG B 370 41.62 -4.55 -9.78
CA ARG B 370 41.64 -5.63 -8.83
C ARG B 370 42.93 -5.60 -8.02
N GLN B 371 42.83 -5.86 -6.72
CA GLN B 371 43.97 -5.80 -5.80
C GLN B 371 44.41 -7.19 -5.43
N PHE B 372 45.75 -7.37 -5.36
CA PHE B 372 46.39 -8.61 -4.88
C PHE B 372 45.67 -9.89 -5.31
N PRO B 373 45.51 -10.09 -6.63
CA PRO B 373 44.83 -11.30 -7.09
C PRO B 373 45.47 -12.63 -6.64
N ASP B 374 46.81 -12.71 -6.59
CA ASP B 374 47.51 -13.98 -6.21
C ASP B 374 47.30 -14.35 -4.74
N ALA B 375 47.10 -13.35 -3.87
CA ALA B 375 46.84 -13.57 -2.43
C ALA B 375 45.56 -14.33 -2.10
N ALA B 376 44.60 -14.32 -3.04
CA ALA B 376 43.35 -15.10 -2.93
C ALA B 376 42.68 -15.04 -4.30
N PRO B 377 43.13 -15.91 -5.24
CA PRO B 377 42.65 -15.82 -6.63
C PRO B 377 41.15 -16.09 -6.82
N GLY B 378 40.51 -16.74 -5.84
CA GLY B 378 39.05 -16.86 -5.84
C GLY B 378 38.27 -15.65 -5.31
N ALA B 379 38.96 -14.60 -4.86
CA ALA B 379 38.31 -13.42 -4.25
C ALA B 379 38.55 -12.16 -5.06
N TYR B 380 37.57 -11.24 -4.99
CA TYR B 380 37.53 -10.08 -5.86
C TYR B 380 37.57 -8.79 -5.03
N TYR B 381 38.81 -8.41 -4.67
CA TYR B 381 39.14 -7.18 -3.94
C TYR B 381 39.44 -6.10 -4.96
N VAL B 382 38.71 -4.99 -4.94
CA VAL B 382 38.83 -3.98 -5.97
C VAL B 382 38.89 -2.60 -5.33
N ARG B 383 39.63 -1.69 -5.95
CA ARG B 383 39.64 -0.30 -5.52
C ARG B 383 38.43 0.37 -6.16
N PRO B 384 37.63 1.07 -5.34
CA PRO B 384 36.53 1.86 -5.85
C PRO B 384 36.91 2.72 -7.04
N ALA B 385 36.04 2.78 -8.04
CA ALA B 385 36.27 3.53 -9.26
C ALA B 385 35.63 4.93 -9.16
N LEU B 386 36.32 5.94 -9.64
CA LEU B 386 35.81 7.33 -9.70
C LEU B 386 35.83 7.71 -11.17
N VAL B 387 34.66 8.04 -11.72
CA VAL B 387 34.49 8.23 -13.17
C VAL B 387 33.79 9.56 -13.50
N ARG B 388 34.51 10.46 -14.13
CA ARG B 388 33.98 11.75 -14.49
C ARG B 388 33.19 11.62 -15.81
N MET B 389 31.90 12.02 -15.79
CA MET B 389 30.98 11.87 -16.94
C MET B 389 30.49 13.21 -17.52
N PRO B 390 30.41 13.32 -18.86
CA PRO B 390 29.95 14.56 -19.48
C PRO B 390 28.44 14.70 -19.51
N ALA B 391 27.70 13.64 -19.18
CA ALA B 391 26.24 13.71 -19.07
C ALA B 391 25.75 12.47 -18.39
N GLN B 392 24.49 12.47 -17.99
CA GLN B 392 23.92 11.32 -17.29
C GLN B 392 23.48 10.30 -18.33
N THR B 393 24.44 9.54 -18.81
CA THR B 393 24.20 8.55 -19.87
C THR B 393 23.55 7.28 -19.31
N ALA B 394 23.24 6.33 -20.20
CA ALA B 394 22.59 5.07 -19.87
C ALA B 394 23.17 4.35 -18.65
N VAL B 395 24.47 4.10 -18.67
CA VAL B 395 25.14 3.36 -17.58
C VAL B 395 25.03 4.09 -16.24
N VAL B 396 25.02 5.43 -16.29
CA VAL B 396 24.92 6.23 -15.09
C VAL B 396 23.54 6.03 -14.43
N ARG B 397 22.52 5.82 -15.27
CA ARG B 397 21.16 5.63 -14.79
C ARG B 397 20.84 4.20 -14.30
N GLU B 398 21.68 3.22 -14.65
CA GLU B 398 21.53 1.85 -14.14
C GLU B 398 22.30 1.67 -12.83
N GLU B 399 21.76 0.86 -11.93
CA GLU B 399 22.45 0.51 -10.70
C GLU B 399 23.45 -0.60 -11.01
N THR B 400 24.74 -0.31 -10.94
CA THR B 400 25.73 -1.39 -10.89
C THR B 400 26.14 -1.57 -9.42
N PHE B 401 25.99 -2.79 -8.92
CA PHE B 401 26.18 -3.05 -7.49
C PHE B 401 27.67 -3.25 -7.16
N ALA B 402 28.39 -2.15 -7.21
CA ALA B 402 29.82 -2.16 -7.09
C ALA B 402 30.23 -0.73 -6.82
N PRO B 403 31.48 -0.51 -6.33
CA PRO B 403 31.86 0.85 -6.01
C PRO B 403 32.30 1.63 -7.24
N ILE B 404 31.36 2.36 -7.83
CA ILE B 404 31.68 3.27 -8.93
C ILE B 404 30.98 4.56 -8.60
N LEU B 405 31.72 5.66 -8.56
CA LEU B 405 31.14 7.00 -8.35
C LEU B 405 31.25 7.85 -9.62
N TYR B 406 30.10 8.11 -10.27
CA TYR B 406 30.05 9.00 -11.45
C TYR B 406 29.93 10.45 -11.03
N VAL B 407 30.77 11.31 -11.61
CA VAL B 407 30.75 12.75 -11.33
C VAL B 407 30.19 13.52 -12.50
N LEU B 408 29.16 14.32 -12.21
CA LEU B 408 28.46 15.14 -13.16
C LEU B 408 28.48 16.59 -12.68
N THR B 409 28.46 17.54 -13.62
CA THR B 409 28.48 18.94 -13.31
C THR B 409 27.14 19.62 -13.60
N TYR B 410 26.89 20.70 -12.86
CA TYR B 410 25.72 21.53 -13.06
C TYR B 410 26.08 22.97 -12.78
N ARG B 411 25.16 23.87 -13.13
CA ARG B 411 25.28 25.29 -12.81
C ARG B 411 24.10 25.77 -11.94
N ASP B 412 22.86 25.57 -12.40
CA ASP B 412 21.65 26.00 -11.65
C ASP B 412 21.14 24.88 -10.75
N LEU B 413 20.70 25.25 -9.55
CA LEU B 413 20.23 24.23 -8.60
C LEU B 413 19.06 23.40 -9.14
N ASP B 414 18.13 24.02 -9.88
CA ASP B 414 17.02 23.27 -10.48
C ASP B 414 17.50 22.16 -11.46
N GLU B 415 18.64 22.35 -12.12
CA GLU B 415 19.19 21.31 -12.96
C GLU B 415 19.82 20.17 -12.14
N ALA B 416 20.49 20.51 -11.04
CA ALA B 416 20.98 19.50 -10.09
C ALA B 416 19.83 18.63 -9.55
N ILE B 417 18.73 19.27 -9.19
CA ILE B 417 17.51 18.58 -8.78
C ILE B 417 16.97 17.71 -9.92
N ARG B 418 16.88 18.25 -11.13
CA ARG B 418 16.48 17.45 -12.29
C ARG B 418 17.35 16.19 -12.48
N LEU B 419 18.68 16.38 -12.48
CA LEU B 419 19.61 15.26 -12.66
C LEU B 419 19.46 14.23 -11.54
N ASN B 420 19.26 14.68 -10.31
CA ASN B 420 18.99 13.74 -9.21
C ASN B 420 17.78 12.86 -9.50
N ASN B 421 16.72 13.52 -9.98
CA ASN B 421 15.39 12.91 -10.19
C ASN B 421 15.18 12.18 -11.52
N GLU B 422 16.06 12.42 -12.49
CA GLU B 422 15.92 11.85 -13.83
C GLU B 422 16.03 10.31 -13.87
N VAL B 423 16.74 9.71 -12.91
CA VAL B 423 16.93 8.25 -12.87
C VAL B 423 15.64 7.51 -12.48
N PRO B 424 15.54 6.22 -12.85
CA PRO B 424 14.34 5.44 -12.45
C PRO B 424 14.27 5.02 -10.97
N GLN B 425 15.39 5.01 -10.26
CA GLN B 425 15.43 4.62 -8.84
C GLN B 425 15.10 5.85 -7.98
N GLY B 426 14.75 5.63 -6.71
CA GLY B 426 14.27 6.73 -5.85
C GLY B 426 14.47 6.51 -4.36
N LEU B 427 15.62 5.95 -3.98
CA LEU B 427 15.85 5.63 -2.57
C LEU B 427 16.28 6.88 -1.79
N SER B 428 17.53 7.31 -1.95
CA SER B 428 18.08 8.37 -1.14
C SER B 428 18.79 9.45 -1.94
N ALA B 429 18.89 10.62 -1.32
CA ALA B 429 19.59 11.75 -1.89
C ALA B 429 20.09 12.67 -0.77
N GLY B 430 21.20 13.36 -1.04
CA GLY B 430 21.82 14.34 -0.12
C GLY B 430 22.27 15.63 -0.81
N ILE B 431 22.27 16.74 -0.07
CA ILE B 431 22.82 18.01 -0.59
C ILE B 431 23.81 18.54 0.41
N PHE B 432 24.99 18.95 -0.07
CA PHE B 432 26.03 19.58 0.76
C PHE B 432 26.11 21.05 0.42
N THR B 433 25.84 21.88 1.41
CA THR B 433 25.67 23.32 1.19
C THR B 433 25.70 24.00 2.55
N ALA B 434 26.23 25.22 2.56
CA ALA B 434 26.10 26.09 3.70
C ALA B 434 24.90 27.02 3.54
N ASP B 435 24.20 26.97 2.42
CA ASP B 435 23.15 27.94 2.11
C ASP B 435 21.77 27.44 2.55
N GLN B 436 21.11 28.24 3.39
CA GLN B 436 19.85 27.89 3.99
C GLN B 436 18.78 27.63 2.92
N SER B 437 18.70 28.48 1.90
CA SER B 437 17.62 28.32 0.96
C SER B 437 17.82 27.11 0.03
N GLU B 438 19.07 26.82 -0.35
CA GLU B 438 19.38 25.68 -1.19
C GLU B 438 18.99 24.39 -0.46
N ALA B 439 19.35 24.27 0.82
CA ALA B 439 18.98 23.08 1.61
C ALA B 439 17.45 22.86 1.62
N GLU B 440 16.69 23.93 1.82
CA GLU B 440 15.23 23.82 1.86
C GLU B 440 14.63 23.50 0.49
N ARG B 441 15.15 24.15 -0.55
CA ARG B 441 14.75 23.86 -1.94
C ARG B 441 14.96 22.38 -2.31
N PHE B 442 16.06 21.78 -1.86
CA PHE B 442 16.32 20.34 -2.11
C PHE B 442 15.29 19.42 -1.45
N LEU B 443 14.75 19.83 -0.31
CA LEU B 443 13.79 19.02 0.47
C LEU B 443 12.33 19.34 0.17
N ALA B 444 12.08 20.40 -0.60
CA ALA B 444 10.74 20.87 -0.89
C ALA B 444 9.97 19.95 -1.87
N PRO B 445 8.66 20.19 -2.06
CA PRO B 445 7.87 19.29 -2.94
C PRO B 445 8.41 19.17 -4.35
N ASP B 446 8.99 20.25 -4.88
CA ASP B 446 9.66 20.23 -6.21
C ASP B 446 11.18 19.99 -6.13
N GLY B 447 11.67 19.51 -5.00
CA GLY B 447 13.08 19.15 -4.82
C GLY B 447 13.34 17.70 -5.13
N ALA B 448 14.30 17.10 -4.42
CA ALA B 448 14.67 15.73 -4.70
C ALA B 448 13.47 14.83 -4.51
N ASP B 449 13.30 13.83 -5.37
CA ASP B 449 12.07 13.02 -5.39
C ASP B 449 12.14 11.71 -4.53
N CYS B 450 13.21 11.55 -3.78
CA CYS B 450 13.52 10.29 -3.12
C CYS B 450 12.79 10.04 -1.80
N GLY B 451 12.81 8.78 -1.37
CA GLY B 451 12.30 8.38 -0.07
C GLY B 451 13.02 8.99 1.10
N ILE B 452 14.33 9.18 0.95
CA ILE B 452 15.20 9.82 1.92
C ILE B 452 15.87 11.01 1.25
N ALA B 453 15.70 12.21 1.81
CA ALA B 453 16.36 13.41 1.29
C ALA B 453 17.04 14.19 2.43
N ASN B 454 18.37 14.29 2.38
CA ASN B 454 19.17 14.79 3.50
C ASN B 454 20.01 16.03 3.19
N VAL B 455 20.44 16.73 4.25
CA VAL B 455 21.25 17.94 4.15
C VAL B 455 22.55 17.75 4.91
N ASN B 456 23.67 17.88 4.23
CA ASN B 456 25.01 17.77 4.84
C ASN B 456 25.31 16.42 5.50
N ILE B 457 24.61 15.40 5.02
CA ILE B 457 24.95 14.04 5.33
C ILE B 457 24.60 13.21 4.08
N GLY B 458 25.36 12.15 3.84
CA GLY B 458 25.24 11.37 2.61
C GLY B 458 24.04 10.44 2.46
N THR B 459 24.09 9.64 1.41
CA THR B 459 22.98 8.81 1.01
C THR B 459 22.73 7.61 1.94
N SER B 460 23.65 7.31 2.85
CA SER B 460 23.40 6.32 3.91
C SER B 460 22.90 6.91 5.23
N GLY B 461 22.65 8.21 5.25
CA GLY B 461 22.09 8.88 6.42
C GLY B 461 20.66 8.50 6.69
N ALA B 462 20.51 7.45 7.49
CA ALA B 462 19.21 6.98 7.87
C ALA B 462 19.35 6.25 9.21
N GLU B 463 18.24 6.04 9.91
CA GLU B 463 18.26 5.43 11.27
C GLU B 463 16.92 4.79 11.67
N ILE B 464 16.94 4.00 12.75
CA ILE B 464 15.81 3.13 13.15
C ILE B 464 14.48 3.85 13.22
N GLY B 465 14.50 5.03 13.84
CA GLY B 465 13.29 5.82 14.03
C GLY B 465 12.66 6.41 12.79
N GLY B 466 13.43 6.50 11.71
CA GLY B 466 12.91 6.87 10.39
C GLY B 466 12.34 5.66 9.63
N ALA B 467 11.23 5.86 8.90
CA ALA B 467 10.73 4.89 7.93
C ALA B 467 11.75 4.79 6.78
N PHE B 468 12.12 3.55 6.44
CA PHE B 468 13.18 3.30 5.46
C PHE B 468 12.66 2.72 4.14
N GLY B 469 12.96 3.40 3.03
CA GLY B 469 12.61 2.90 1.69
C GLY B 469 12.51 4.01 0.66
N GLY B 470 12.14 3.65 -0.56
CA GLY B 470 12.17 4.59 -1.68
C GLY B 470 10.97 4.61 -2.60
N GLU B 471 11.05 5.51 -3.58
CA GLU B 471 10.00 5.76 -4.56
C GLU B 471 10.40 5.19 -5.91
N LYS B 472 9.52 5.37 -6.90
CA LYS B 472 9.76 4.95 -8.27
C LYS B 472 10.15 3.44 -8.34
N GLU B 473 11.24 3.09 -9.01
CA GLU B 473 11.60 1.68 -9.17
C GLU B 473 12.32 1.03 -7.94
N THR B 474 12.50 1.79 -6.87
CA THR B 474 12.85 1.24 -5.57
C THR B 474 11.63 0.59 -4.91
N GLY B 475 10.42 0.84 -5.44
CA GLY B 475 9.24 0.00 -5.17
C GLY B 475 8.22 0.50 -4.15
N GLY B 476 8.53 1.59 -3.44
CA GLY B 476 7.50 2.26 -2.63
C GLY B 476 7.37 1.76 -1.22
N GLY B 477 8.04 0.66 -0.85
CA GLY B 477 7.90 0.06 0.50
C GLY B 477 8.59 0.90 1.58
N ARG B 478 8.15 0.75 2.82
CA ARG B 478 8.81 1.32 4.00
C ARG B 478 8.96 0.26 5.09
N GLU B 479 10.10 0.31 5.77
CA GLU B 479 10.40 -0.55 6.89
C GLU B 479 10.92 0.23 8.07
N SER B 480 10.93 -0.42 9.23
CA SER B 480 11.59 0.06 10.46
C SER B 480 10.76 1.13 11.18
N GLY B 481 11.06 2.42 10.95
CA GLY B 481 10.62 3.50 11.83
C GLY B 481 9.25 4.12 11.57
N SER B 482 9.00 5.23 12.27
CA SER B 482 7.71 5.96 12.19
C SER B 482 6.54 4.96 12.29
N ASP B 483 5.54 5.07 11.45
CA ASP B 483 4.43 4.14 11.48
C ASP B 483 4.47 3.06 10.36
N ALA B 484 5.67 2.63 9.99
CA ALA B 484 5.82 1.54 9.02
C ALA B 484 5.19 0.24 9.47
N TRP B 485 5.02 0.04 10.79
CA TRP B 485 4.28 -1.09 11.35
C TRP B 485 2.90 -1.30 10.78
N ARG B 486 2.25 -0.25 10.27
CA ARG B 486 0.90 -0.39 9.72
C ARG B 486 0.78 -1.35 8.54
N ALA B 487 1.87 -1.56 7.81
CA ALA B 487 1.86 -2.50 6.68
C ALA B 487 1.79 -3.94 7.15
N TYR B 488 1.95 -4.19 8.43
CA TYR B 488 1.96 -5.55 8.97
C TYR B 488 0.65 -5.91 9.66
N MET B 489 -0.33 -5.03 9.59
CA MET B 489 -1.60 -5.21 10.31
C MET B 489 -2.72 -4.77 9.41
N ARG B 490 -3.96 -5.11 9.75
CA ARG B 490 -5.12 -4.69 8.94
C ARG B 490 -5.98 -3.75 9.77
N ARG B 491 -6.48 -2.71 9.10
CA ARG B 491 -7.30 -1.69 9.70
C ARG B 491 -8.74 -2.13 9.69
N ALA B 492 -9.43 -1.89 10.80
CA ALA B 492 -10.90 -2.02 10.88
C ALA B 492 -11.50 -0.69 11.33
N THR B 493 -12.60 -0.30 10.70
CA THR B 493 -13.39 0.86 11.13
C THR B 493 -14.66 0.32 11.83
N ASN B 494 -14.87 0.69 13.08
CA ASN B 494 -15.95 0.11 13.89
C ASN B 494 -16.95 1.15 14.34
N THR B 495 -18.18 1.02 13.87
CA THR B 495 -19.27 1.85 14.38
C THR B 495 -20.11 1.04 15.38
N VAL B 496 -20.30 1.57 16.58
CA VAL B 496 -21.03 0.89 17.66
C VAL B 496 -22.25 1.71 18.00
N ASN B 497 -23.43 1.10 17.84
CA ASN B 497 -24.72 1.71 18.22
C ASN B 497 -25.10 1.30 19.66
N TYR B 498 -25.29 2.28 20.55
CA TYR B 498 -25.80 2.00 21.88
C TYR B 498 -27.15 2.68 22.16
N SER B 499 -27.82 3.17 21.11
CA SER B 499 -29.08 3.91 21.23
C SER B 499 -30.31 3.02 21.09
N GLY B 500 -30.14 1.79 20.59
CA GLY B 500 -31.29 0.91 20.29
C GLY B 500 -32.16 1.35 19.11
N ARG B 501 -31.66 2.26 18.27
CA ARG B 501 -32.42 2.84 17.15
C ARG B 501 -31.64 2.80 15.83
N VAL B 502 -32.39 2.79 14.74
CA VAL B 502 -31.86 2.93 13.38
C VAL B 502 -32.68 4.01 12.65
N THR B 503 -32.06 4.77 11.76
CA THR B 503 -32.78 5.71 10.88
C THR B 503 -33.82 4.98 10.00
N LEU B 504 -35.07 5.43 10.05
CA LEU B 504 -36.14 4.81 9.26
C LEU B 504 -36.24 5.46 7.87
N ALA B 505 -35.88 4.68 6.84
CA ALA B 505 -35.99 5.09 5.44
C ALA B 505 -37.44 5.45 5.07
N GLN B 506 -37.66 6.71 4.69
CA GLN B 506 -38.98 7.28 4.31
C GLN B 506 -40.02 7.37 5.43
N GLY B 507 -39.61 7.18 6.68
CA GLY B 507 -40.53 7.05 7.81
C GLY B 507 -41.34 5.75 7.89
N VAL B 508 -41.02 4.76 7.05
CA VAL B 508 -41.70 3.47 7.06
C VAL B 508 -41.00 2.55 8.09
N ASP B 509 -41.79 1.69 8.75
CA ASP B 509 -41.35 0.91 9.91
C ASP B 509 -41.89 -0.53 9.81
N PHE B 510 -41.02 -1.51 10.05
CA PHE B 510 -41.37 -2.95 9.93
C PHE B 510 -41.40 -3.69 11.28
N SER B 511 -41.74 -2.99 12.36
CA SER B 511 -41.80 -3.57 13.70
C SER B 511 -43.02 -4.49 13.85
PA NAD C . -17.42 -2.68 -13.01
O1A NAD C . -16.33 -3.50 -12.37
O2A NAD C . -18.28 -3.27 -14.08
O5B NAD C . -16.87 -1.30 -13.65
C5B NAD C . -16.31 -0.29 -12.81
C4B NAD C . -15.46 0.68 -13.62
O4B NAD C . -14.24 0.05 -14.02
C3B NAD C . -16.11 1.20 -14.90
O3B NAD C . -15.76 2.58 -15.06
C2B NAD C . -15.51 0.31 -15.99
O2B NAD C . -15.42 0.95 -17.26
C1B NAD C . -14.11 0.07 -15.43
N9A NAD C . -13.42 -1.19 -15.82
C8A NAD C . -13.92 -2.44 -15.88
N7A NAD C . -12.92 -3.31 -16.24
C5A NAD C . -11.79 -2.59 -16.39
C6A NAD C . -10.36 -2.86 -16.74
N6A NAD C . -9.93 -4.11 -17.01
N1A NAD C . -9.52 -1.81 -16.76
C2A NAD C . -9.91 -0.54 -16.47
N3A NAD C . -11.17 -0.23 -16.15
C4A NAD C . -12.12 -1.19 -16.10
O3 NAD C . -18.32 -2.24 -11.74
PN NAD C . -19.86 -1.76 -11.82
O1N NAD C . -19.94 -0.42 -12.56
O2N NAD C . -20.77 -2.91 -12.24
O5D NAD C . -20.09 -1.51 -10.21
C5D NAD C . -20.49 -2.48 -9.21
C4D NAD C . -19.30 -3.24 -8.62
O4D NAD C . -18.38 -2.33 -8.00
C3D NAD C . -19.74 -4.20 -7.54
O3D NAD C . -18.94 -5.38 -7.55
C2D NAD C . -19.51 -3.41 -6.25
O2D NAD C . -19.31 -4.16 -5.05
C1D NAD C . -18.28 -2.59 -6.59
N1N NAD C . -18.24 -1.39 -5.76
C2N NAD C . -17.30 -1.29 -4.80
C3N NAD C . -17.23 -0.17 -3.97
C7N NAD C . -16.20 -0.03 -2.89
O7N NAD C . -15.93 1.11 -2.54
N7N NAD C . -15.57 -1.08 -2.33
C4N NAD C . -18.16 0.86 -4.17
C5N NAD C . -19.12 0.76 -5.17
C6N NAD C . -19.15 -0.40 -5.96
S SO4 D . -20.98 -19.31 22.63
O1 SO4 D . -21.89 -19.90 23.62
O2 SO4 D . -19.92 -18.54 23.30
O3 SO4 D . -21.73 -18.46 21.69
O4 SO4 D . -20.36 -20.43 21.89
S SO4 E . -20.19 -25.87 -2.33
O1 SO4 E . -21.46 -25.35 -2.91
O2 SO4 E . -20.06 -25.43 -0.91
O3 SO4 E . -19.05 -25.35 -3.12
O4 SO4 E . -20.21 -27.35 -2.37
S SO4 F . -44.95 -10.05 -5.52
O1 SO4 F . -44.95 -10.54 -4.13
O2 SO4 F . -46.27 -9.45 -5.84
O3 SO4 F . -44.67 -11.14 -6.49
O4 SO4 F . -43.91 -9.01 -5.67
S SO4 G . 33.32 9.82 15.04
O1 SO4 G . 32.20 10.81 15.11
O2 SO4 G . 34.08 9.88 16.30
O3 SO4 G . 34.18 10.15 13.86
O4 SO4 G . 32.77 8.45 14.99
S SO4 H . 25.84 5.79 9.88
O1 SO4 H . 26.64 6.91 10.45
O2 SO4 H . 24.52 5.68 10.55
O3 SO4 H . 26.57 4.53 10.11
O4 SO4 H . 25.57 6.00 8.44
C1 GOL I . -28.06 -4.20 -21.09
O1 GOL I . -28.15 -5.24 -20.07
C2 GOL I . -29.33 -3.30 -21.24
O2 GOL I . -30.53 -3.49 -20.44
C3 GOL I . -29.14 -1.93 -21.94
O3 GOL I . -30.01 -0.94 -21.38
C1 GOL J . -6.25 -10.27 3.63
O1 GOL J . -6.45 -9.09 2.83
C2 GOL J . -5.91 -9.88 5.06
O2 GOL J . -6.85 -8.93 5.61
C3 GOL J . -5.81 -11.18 5.87
O3 GOL J . -5.29 -10.89 7.17
C1 GOL K . -26.96 -11.11 28.44
O1 GOL K . -26.56 -11.99 27.37
C2 GOL K . -27.41 -9.78 27.85
O2 GOL K . -28.29 -10.10 26.76
C3 GOL K . -28.13 -8.89 28.88
O3 GOL K . -28.78 -7.81 28.22
C ACT L . -21.43 2.30 -0.20
O ACT L . -20.70 3.19 -0.72
OXT ACT L . -21.63 1.21 -0.83
CH3 ACT L . -22.07 2.57 1.16
PA NAD M . 18.56 -10.29 -5.57
O1A NAD M . 17.38 -9.49 -6.11
O2A NAD M . 19.47 -10.98 -6.56
O5B NAD M . 18.00 -11.37 -4.52
C5B NAD M . 17.32 -10.94 -3.35
C4B NAD M . 16.52 -12.09 -2.77
O4B NAD M . 15.41 -12.34 -3.64
C3B NAD M . 17.24 -13.43 -2.66
O3B NAD M . 16.83 -14.09 -1.45
C2B NAD M . 16.80 -14.19 -3.91
O2B NAD M . 16.84 -15.62 -3.79
C1B NAD M . 15.37 -13.71 -4.04
N9A NAD M . 14.74 -13.69 -5.38
C8A NAD M . 15.27 -13.28 -6.54
N7A NAD M . 14.37 -13.37 -7.57
C5A NAD M . 13.23 -13.82 -7.04
C6A NAD M . 11.87 -14.11 -7.54
N6A NAD M . 11.57 -13.95 -8.84
N1A NAD M . 10.96 -14.56 -6.65
C2A NAD M . 11.25 -14.73 -5.36
N3A NAD M . 12.45 -14.48 -4.82
C4A NAD M . 13.47 -14.03 -5.60
O3 NAD M . 19.40 -9.21 -4.68
PN NAD M . 20.93 -9.34 -4.05
O1N NAD M . 20.92 -10.44 -2.98
O2N NAD M . 21.98 -9.36 -5.13
O5D NAD M . 21.11 -7.91 -3.29
C5D NAD M . 21.47 -6.68 -3.92
C4D NAD M . 20.25 -5.94 -4.45
O4D NAD M . 19.27 -5.72 -3.43
C3D NAD M . 20.63 -4.54 -4.94
O3D NAD M . 19.94 -4.25 -6.18
C2D NAD M . 20.24 -3.61 -3.78
O2D NAD M . 19.98 -2.25 -4.14
C1D NAD M . 19.02 -4.32 -3.20
N1N NAD M . 18.80 -3.99 -1.78
C2N NAD M . 17.81 -3.14 -1.44
C3N NAD M . 17.55 -2.80 -0.10
C7N NAD M . 16.45 -1.83 0.28
O7N NAD M . 16.09 -1.82 1.46
N7N NAD M . 15.86 -1.01 -0.61
C4N NAD M . 18.36 -3.39 0.90
C5N NAD M . 19.36 -4.29 0.54
C6N NAD M . 19.56 -4.58 -0.82
S SO4 N . 20.22 28.93 -8.85
O1 SO4 N . 18.91 28.98 -8.18
O2 SO4 N . 20.91 30.23 -8.85
O3 SO4 N . 21.09 27.92 -8.21
O4 SO4 N . 19.96 28.58 -10.26
S SO4 O . 21.86 7.61 -23.30
O1 SO4 O . 21.51 8.32 -22.05
O2 SO4 O . 20.75 6.66 -23.59
O3 SO4 O . 22.06 8.68 -24.31
O4 SO4 O . 23.11 6.80 -23.15
S SO4 P . 46.08 0.30 -7.44
O1 SO4 P . 44.61 0.28 -7.32
O2 SO4 P . 46.63 1.48 -6.74
O3 SO4 P . 46.42 0.35 -8.88
O4 SO4 P . 46.61 -0.94 -6.84
C1 GOL Q . 6.53 7.40 -7.86
O1 GOL Q . 6.66 6.19 -7.12
C2 GOL Q . 6.11 8.56 -6.94
O2 GOL Q . 7.01 8.76 -5.84
C3 GOL Q . 6.06 9.82 -7.79
O3 GOL Q . 5.48 10.91 -7.04
C1 GOL R . 19.28 2.89 8.06
O1 GOL R . 20.28 1.96 7.65
C2 GOL R . 18.18 2.22 8.91
O2 GOL R . 18.38 2.42 10.31
C3 GOL R . 16.79 2.76 8.62
O3 GOL R . 15.84 1.87 9.22
C ACT S . 28.61 5.44 6.40
O ACT S . 27.49 5.22 6.89
OXT ACT S . 28.71 6.27 5.45
CH3 ACT S . 29.81 4.68 6.96
C ACT T . 31.45 18.52 -18.01
O ACT T . 30.25 18.31 -18.29
OXT ACT T . 31.94 19.68 -18.06
CH3 ACT T . 32.34 17.38 -17.61
#